data_8IW4
#
_entry.id   8IW4
#
loop_
_entity.id
_entity.type
_entity.pdbx_description
1 polymer 'Guanine nucleotide-binding protein G(s) subunit alpha isoforms short'
2 polymer 'Guanine nucleotide-binding protein G(I)/G(S)/G(T) subunit beta-1'
3 polymer 'Guanine nucleotide-binding protein G(I)/G(S)/G(O) subunit gamma-2'
4 polymer 'Trace amine-associated receptor 9'
5 polymer scFv16
6 non-polymer SPERMIDINE
#
loop_
_entity_poly.entity_id
_entity_poly.type
_entity_poly.pdbx_seq_one_letter_code
_entity_poly.pdbx_strand_id
1 'polypeptide(L)'
;MMGCTLSAEDKAAVERSKMIEKQLQKDKQVYRATHRLLLLGADNSGKSTIVKQMRIYHVNGYSEEECKQYKAVVYSNTIQ
SIIAIIRAMGRLKIDFGDSARADDARQLFVLAGAAEEGFMTAELAGVIKRLWKDSGVQACFNRSREYQLNDSAAYYLNDL
DRIAQPNYIPTQQDVLRTRVKTSGIFETKFQVDKVNFHMFDVGAQRDERRKWIQCFNDVTAIIFVVDSSDYNRLQEALND
FKSIWNNRWLRTISVILFLNKQDLLAEKVLAGKSKIEDYFPEFARYTTPEDATPEPGEDPRVTRAKYFIRDEFLRISTAS
GDGRHYCYPHFTCSVDTENARRIFNDCRDIIQRMHLRQYELL
;
A
2 'polypeptide(L)'
;MHHHHHHGSLLQSELDQLRQEAEQLKNQIRDARKACADATLSQITNNIDPVGRIQMRTRRTLRGHLAKIYAMHWGTDSRL
LVSASQDGKLIIWDSYTTNKVHAIPLRSSWVMTCAYAPSGNYVACGGLDNICSIYNLKTREGNVRVSRELAGHTGYLSCC
RFLDDNQIVTSSGDTTCALWDIETGQQTTTFTGHTGDVMSLSLAPDTRLFVSGACDASAKLWDVREGMCRQTFTGHESDI
NAICFFPNGNAFATGSDDATCRLFDLRADQELMTYSHDNIICGITSVSFSKSGRLLLAGYDDFNCNVWDALKADRAGVLA
GHDNRVSCLGVTDDGMAVATGSWDSFLKIWNGSSGGGGSGGGGSSGVSGWRLFKKIS
;
B
3 'polypeptide(L)' NTASIAQARKLVEQLKMEANIDRIKVSKAAADLMAYCEAHAKEDPLLTPVPASENPFRE C
4 'polypeptide(L)'
;MTSDFSPEPPMELCYENVNGSCIKSSYAPWPRAILYGVLGLGALLAVFGNLLVIIAILHFKQLHTPTNFLVASLACADFL
VGVTVMPFSTVRSVESCWYFGESYCKFHTCFDTSFCFASLFHLCCISIDRYIAVTDPLTYPTKFTVSVSGLCIALSWFFS
VTYSFSIFYTGANEEGIEELVVALTCVGGCQAPLNQNWVLLCFLLFFLPTVVMVFLYGRIFLVAKYQARKIEGTANQAQA
SSESYKERVAKRERKAAKTLGIAMAAFLVSWLPYIIDAVIDAYMNFITPAYVYEILVWCVYYNSAMNPLIYAFFYPWFRK
AIKLIVSGKVFRADSSTTNLFSEEAGAG
;
R
5 'polypeptide(L)'
;MLLVNQSHQGFNKEHTSKMVSAIVLYVLLAAAAHSAFAVQLVESGGGLVQPGGSRKLSCSASGFAFSSFGMHWVRQAPEK
GLEWVAYISSGSGTIYYADTVKGRFTISRDDPKNTLFLQMTSLRSEDTAMYYCVRSIYYYGSSPFDFWGQGTTLTVSAGG
GGSGGGGSGGGGSADIVMTQATSSVPVTPGESVSISCRSSKSLLHSNGNTYLYWFLQRPGQSPQLLIYRMSNLASGVPDR
FSGSGSGTAFTLTISRLEAEDVGVYYCMQHLEYPLTFGAGTKLEL
;
S
#
loop_
_chem_comp.id
_chem_comp.type
_chem_comp.name
_chem_comp.formula
SPD non-polymer SPERMIDINE 'C7 H19 N3'
#
# COMPACT_ATOMS: atom_id res chain seq x y z
N THR A 5 -5.66 12.29 -23.22
CA THR A 5 -5.28 10.92 -23.56
C THR A 5 -6.14 9.90 -22.81
N LEU A 6 -6.80 10.37 -21.76
CA LEU A 6 -7.67 9.53 -20.95
C LEU A 6 -9.11 9.97 -21.15
N SER A 7 -10.00 8.99 -21.31
CA SER A 7 -11.41 9.28 -21.52
C SER A 7 -12.04 9.80 -20.22
N ALA A 8 -13.33 10.11 -20.30
CA ALA A 8 -14.04 10.58 -19.11
C ALA A 8 -14.15 9.47 -18.06
N GLU A 9 -14.36 8.23 -18.51
CA GLU A 9 -14.44 7.12 -17.57
C GLU A 9 -13.08 6.78 -16.97
N ASP A 10 -12.00 6.97 -17.73
CA ASP A 10 -10.67 6.67 -17.22
C ASP A 10 -10.24 7.61 -16.11
N LYS A 11 -10.82 8.80 -16.03
CA LYS A 11 -10.51 9.70 -14.92
C LYS A 11 -11.25 9.29 -13.65
N ALA A 12 -12.51 8.87 -13.78
CA ALA A 12 -13.24 8.39 -12.63
C ALA A 12 -12.68 7.06 -12.13
N ALA A 13 -12.15 6.23 -13.03
CA ALA A 13 -11.50 5.00 -12.62
C ALA A 13 -10.19 5.23 -11.87
N VAL A 14 -9.65 6.44 -11.91
CA VAL A 14 -8.46 6.79 -11.15
C VAL A 14 -8.89 7.48 -9.87
N GLU A 15 -9.98 8.23 -9.94
CA GLU A 15 -10.53 8.83 -8.73
C GLU A 15 -10.98 7.77 -7.73
N ARG A 16 -11.62 6.70 -8.23
CA ARG A 16 -12.02 5.61 -7.35
C ARG A 16 -10.80 4.92 -6.73
N SER A 17 -9.75 4.73 -7.52
CA SER A 17 -8.52 4.14 -6.98
C SER A 17 -7.91 5.03 -5.90
N LYS A 18 -7.94 6.34 -6.11
CA LYS A 18 -7.41 7.27 -5.11
C LYS A 18 -8.23 7.21 -3.82
N MET A 19 -9.56 7.11 -3.94
CA MET A 19 -10.38 6.95 -2.75
C MET A 19 -10.10 5.63 -2.03
N ILE A 20 -9.87 4.55 -2.79
CA ILE A 20 -9.50 3.28 -2.18
C ILE A 20 -8.19 3.40 -1.43
N GLU A 21 -7.21 4.10 -2.02
CA GLU A 21 -5.94 4.32 -1.33
C GLU A 21 -6.11 5.16 -0.08
N LYS A 22 -7.01 6.16 -0.13
CA LYS A 22 -7.31 6.95 1.06
C LYS A 22 -7.85 6.07 2.19
N GLN A 23 -8.79 5.19 1.84
CA GLN A 23 -9.34 4.27 2.84
C GLN A 23 -8.26 3.32 3.36
N LEU A 24 -7.37 2.86 2.49
CA LEU A 24 -6.31 1.96 2.92
C LEU A 24 -5.36 2.65 3.89
N GLN A 25 -5.02 3.91 3.63
CA GLN A 25 -4.17 4.66 4.55
C GLN A 25 -4.87 4.87 5.89
N LYS A 26 -6.15 5.22 5.85
CA LYS A 26 -6.90 5.40 7.09
C LYS A 26 -6.98 4.11 7.89
N ASP A 27 -7.02 2.96 7.20
CA ASP A 27 -7.06 1.67 7.89
C ASP A 27 -5.69 1.31 8.45
N LYS A 28 -4.62 1.63 7.71
CA LYS A 28 -3.28 1.33 8.19
C LYS A 28 -2.92 2.17 9.41
N GLN A 29 -3.41 3.41 9.46
CA GLN A 29 -3.16 4.25 10.63
C GLN A 29 -3.72 3.63 11.92
N VAL A 30 -4.73 2.78 11.80
CA VAL A 30 -5.25 2.07 12.96
C VAL A 30 -4.59 0.70 13.12
N TYR A 31 -4.24 0.05 12.02
CA TYR A 31 -3.60 -1.26 12.09
C TYR A 31 -2.23 -1.17 12.78
N ARG A 32 -1.49 -0.09 12.50
CA ARG A 32 -0.15 0.05 13.08
C ARG A 32 -0.18 0.25 14.59
N ALA A 33 -1.30 0.68 15.16
CA ALA A 33 -1.37 1.07 16.56
C ALA A 33 -1.90 -0.04 17.47
N THR A 34 -2.04 -1.26 16.95
CA THR A 34 -2.50 -2.39 17.74
C THR A 34 -1.44 -3.48 17.75
N HIS A 35 -1.34 -4.19 18.88
CA HIS A 35 -0.36 -5.23 19.08
C HIS A 35 -1.05 -6.59 19.08
N ARG A 36 -0.48 -7.54 18.34
CA ARG A 36 -1.04 -8.89 18.20
C ARG A 36 -0.17 -9.86 18.97
N LEU A 37 -0.79 -10.69 19.81
CA LEU A 37 -0.09 -11.61 20.69
C LEU A 37 -0.59 -13.03 20.44
N LEU A 38 0.29 -13.91 19.98
CA LEU A 38 -0.03 -15.33 19.91
C LEU A 38 -0.06 -15.92 21.30
N LEU A 39 -0.99 -16.87 21.52
CA LEU A 39 -1.14 -17.55 22.80
C LEU A 39 -0.99 -19.05 22.58
N LEU A 40 0.11 -19.61 23.07
CA LEU A 40 0.36 -21.03 22.97
C LEU A 40 0.20 -21.69 24.33
N GLY A 41 0.50 -22.98 24.41
CA GLY A 41 0.39 -23.72 25.65
C GLY A 41 -0.36 -25.03 25.48
N ALA A 42 -0.02 -26.00 26.33
CA ALA A 42 -0.61 -27.32 26.26
C ALA A 42 -2.04 -27.30 26.81
N ASP A 43 -2.71 -28.43 26.65
CA ASP A 43 -4.08 -28.62 27.11
C ASP A 43 -4.22 -28.42 28.62
N ASN A 44 -3.19 -28.73 29.39
CA ASN A 44 -3.33 -28.62 30.85
C ASN A 44 -2.86 -27.30 31.48
N SER A 45 -2.56 -26.32 30.65
CA SER A 45 -2.10 -25.03 31.16
C SER A 45 -3.21 -24.21 31.80
N GLY A 46 -4.45 -24.59 31.53
CA GLY A 46 -5.59 -23.87 32.08
C GLY A 46 -5.97 -22.62 31.31
N LYS A 47 -5.36 -22.43 30.14
CA LYS A 47 -5.65 -21.27 29.31
C LYS A 47 -6.97 -21.44 28.57
N ILE A 50 -7.64 -18.23 31.75
CA ILE A 50 -6.97 -16.94 31.65
C ILE A 50 -7.60 -16.09 30.55
N VAL A 51 -7.87 -16.69 29.39
CA VAL A 51 -8.50 -15.95 28.30
C VAL A 51 -9.94 -15.56 28.62
N LYS A 52 -10.53 -16.15 29.66
CA LYS A 52 -11.85 -15.76 30.12
C LYS A 52 -11.77 -14.67 31.19
N GLN A 53 -10.80 -14.75 32.10
CA GLN A 53 -10.66 -13.74 33.12
C GLN A 53 -10.15 -12.42 32.53
N MET A 54 -9.40 -12.47 31.43
CA MET A 54 -9.13 -11.23 30.72
C MET A 54 -10.33 -10.74 29.92
N ARG A 55 -11.13 -11.66 29.38
CA ARG A 55 -12.31 -11.28 28.60
C ARG A 55 -13.32 -10.55 29.47
N SER A 183 -15.21 -23.29 15.00
CA SER A 183 -14.28 -22.18 14.88
C SER A 183 -12.86 -22.65 15.16
N GLY A 184 -11.96 -22.42 14.20
CA GLY A 184 -10.59 -22.86 14.30
C GLY A 184 -9.63 -21.88 14.94
N ILE A 185 -10.11 -20.73 15.40
CA ILE A 185 -9.27 -19.73 16.06
C ILE A 185 -10.17 -18.85 16.91
N PHE A 186 -9.59 -18.26 17.95
CA PHE A 186 -10.31 -17.36 18.84
C PHE A 186 -9.48 -16.11 19.09
N GLU A 187 -10.11 -14.96 19.01
CA GLU A 187 -9.46 -13.67 19.22
C GLU A 187 -10.13 -12.93 20.36
N THR A 188 -9.33 -12.49 21.33
CA THR A 188 -9.81 -11.70 22.46
C THR A 188 -9.13 -10.34 22.43
N LYS A 189 -9.92 -9.28 22.48
CA LYS A 189 -9.42 -7.92 22.42
C LYS A 189 -9.51 -7.29 23.80
N PHE A 190 -8.41 -6.78 24.32
CA PHE A 190 -8.40 -6.17 25.63
C PHE A 190 -7.53 -4.93 25.59
N GLN A 191 -8.02 -3.86 26.20
CA GLN A 191 -7.30 -2.60 26.21
C GLN A 191 -6.79 -2.26 27.60
N VAL A 192 -5.51 -1.92 27.70
CA VAL A 192 -4.91 -1.56 28.98
C VAL A 192 -4.19 -0.21 28.92
N ASP A 193 -4.58 0.72 29.79
CA ASP A 193 -3.95 2.05 29.85
C ASP A 193 -3.90 2.81 28.53
N LYS A 194 -5.04 2.84 27.83
CA LYS A 194 -5.27 3.53 26.56
C LYS A 194 -4.57 2.94 25.32
N VAL A 195 -4.19 1.68 25.43
CA VAL A 195 -3.57 0.94 24.31
C VAL A 195 -4.35 -0.37 24.22
N ASN A 196 -4.45 -0.95 23.03
CA ASN A 196 -5.21 -2.19 22.88
C ASN A 196 -4.47 -3.33 22.19
N PHE A 197 -4.73 -4.54 22.67
CA PHE A 197 -4.11 -5.74 22.12
C PHE A 197 -5.14 -6.76 21.64
N HIS A 198 -4.70 -7.62 20.74
CA HIS A 198 -5.48 -8.72 20.18
C HIS A 198 -4.72 -10.02 20.47
N MET A 199 -5.33 -10.89 21.27
CA MET A 199 -4.73 -12.16 21.64
C MET A 199 -5.40 -13.28 20.85
N PHE A 200 -4.61 -14.03 20.09
CA PHE A 200 -5.12 -15.13 19.28
C PHE A 200 -4.74 -16.46 19.88
N ASP A 201 -5.65 -17.43 19.80
CA ASP A 201 -5.38 -18.78 20.27
C ASP A 201 -6.21 -19.76 19.46
N VAL A 202 -5.55 -20.78 18.90
CA VAL A 202 -6.22 -21.77 18.08
C VAL A 202 -6.83 -22.83 18.99
N GLY A 203 -8.03 -23.30 18.63
CA GLY A 203 -8.72 -24.27 19.45
C GLY A 203 -9.16 -25.54 18.75
N ALA A 204 -9.32 -25.47 17.43
CA ALA A 204 -9.88 -26.59 16.67
C ALA A 204 -8.89 -27.20 15.68
N GLN A 205 -7.62 -26.82 15.74
CA GLN A 205 -6.62 -27.39 14.85
C GLN A 205 -6.21 -28.78 15.34
N ARG A 206 -5.23 -29.38 14.68
CA ARG A 206 -4.75 -30.70 15.03
C ARG A 206 -3.44 -30.59 15.80
N GLU A 208 0.31 -31.32 14.44
CA GLU A 208 1.45 -30.72 13.75
C GLU A 208 1.24 -29.22 13.53
N ARG A 209 2.00 -28.42 14.27
CA ARG A 209 1.91 -26.97 14.18
C ARG A 209 2.96 -26.42 13.23
N ARG A 210 3.73 -27.30 12.63
CA ARG A 210 4.80 -26.89 11.72
C ARG A 210 4.38 -25.99 10.57
N LYS A 211 3.14 -26.10 10.09
CA LYS A 211 2.74 -25.30 8.94
C LYS A 211 2.06 -24.00 9.34
N TRP A 212 1.02 -24.06 10.18
CA TRP A 212 0.29 -22.85 10.54
C TRP A 212 1.04 -22.00 11.55
N ILE A 213 2.25 -22.38 11.95
CA ILE A 213 3.08 -21.53 12.81
C ILE A 213 3.85 -20.48 12.02
N GLN A 214 3.97 -20.66 10.70
CA GLN A 214 4.66 -19.67 9.88
C GLN A 214 3.86 -18.37 9.76
N CYS A 215 2.53 -18.46 9.79
CA CYS A 215 1.71 -17.25 9.73
C CYS A 215 1.93 -16.37 10.94
N PHE A 216 2.26 -16.95 12.09
CA PHE A 216 2.41 -16.20 13.34
C PHE A 216 3.86 -15.78 13.56
N ASN A 217 4.45 -15.10 12.57
CA ASN A 217 5.79 -14.54 12.72
C ASN A 217 5.80 -13.02 12.76
N ASP A 218 4.67 -12.37 12.55
CA ASP A 218 4.56 -10.91 12.59
C ASP A 218 3.85 -10.43 13.86
N VAL A 219 4.10 -11.11 14.98
CA VAL A 219 3.47 -10.77 16.24
C VAL A 219 4.47 -10.04 17.12
N THR A 220 3.98 -9.44 18.20
CA THR A 220 4.86 -8.71 19.11
C THR A 220 5.52 -9.67 20.10
N ALA A 221 4.75 -10.55 20.71
CA ALA A 221 5.29 -11.50 21.67
C ALA A 221 4.39 -12.73 21.73
N ILE A 222 4.97 -13.84 22.17
CA ILE A 222 4.26 -15.10 22.32
C ILE A 222 4.04 -15.36 23.80
N ILE A 223 2.80 -15.65 24.19
CA ILE A 223 2.45 -15.93 25.58
C ILE A 223 2.38 -17.45 25.72
N PHE A 224 3.31 -18.01 26.49
CA PHE A 224 3.44 -19.45 26.70
C PHE A 224 3.03 -19.77 28.12
N VAL A 225 1.96 -20.57 28.27
CA VAL A 225 1.41 -20.90 29.58
C VAL A 225 1.69 -22.36 29.89
N VAL A 226 2.29 -22.62 31.05
CA VAL A 226 2.66 -23.96 31.47
C VAL A 226 2.07 -24.24 32.84
N ASP A 227 1.39 -25.37 32.98
CA ASP A 227 0.99 -25.87 34.30
C ASP A 227 1.99 -26.93 34.77
N ARG A 233 3.39 -33.42 32.21
CA ARG A 233 3.65 -32.00 32.42
C ARG A 233 5.01 -31.62 31.85
N LEU A 234 6.03 -31.70 32.71
CA LEU A 234 7.39 -31.38 32.33
C LEU A 234 7.98 -32.51 31.52
N GLN A 235 8.83 -32.11 30.56
CA GLN A 235 9.58 -32.89 29.54
C GLN A 235 8.76 -33.13 28.26
N GLU A 236 7.49 -32.79 28.33
CA GLU A 236 6.54 -32.81 27.22
C GLU A 236 6.20 -31.36 26.88
N ALA A 237 6.44 -30.46 27.83
CA ALA A 237 6.23 -29.03 27.68
C ALA A 237 7.61 -28.45 27.50
N LEU A 238 8.60 -29.05 28.15
CA LEU A 238 9.96 -28.57 28.02
C LEU A 238 10.44 -28.74 26.58
N ASN A 239 10.28 -29.94 26.03
CA ASN A 239 10.66 -30.16 24.63
C ASN A 239 9.91 -29.32 23.72
N ASP A 240 8.67 -29.06 24.12
CA ASP A 240 7.76 -28.22 23.37
C ASP A 240 8.37 -26.84 23.26
N PHE A 241 8.77 -26.29 24.41
CA PHE A 241 9.39 -24.97 24.48
C PHE A 241 10.70 -24.93 23.72
N LYS A 242 11.50 -25.99 23.83
CA LYS A 242 12.76 -26.05 23.10
C LYS A 242 12.53 -26.00 21.60
N SER A 243 11.52 -26.74 21.11
CA SER A 243 11.22 -26.75 19.68
C SER A 243 10.71 -25.40 19.22
N ILE A 244 9.90 -24.74 20.04
CA ILE A 244 9.35 -23.43 19.68
C ILE A 244 10.43 -22.35 19.58
N TRP A 245 11.30 -22.30 20.58
CA TRP A 245 12.36 -21.30 20.61
C TRP A 245 13.33 -21.46 19.46
N ASN A 246 13.66 -22.69 19.13
CA ASN A 246 14.59 -22.98 18.05
C ASN A 246 13.96 -23.05 16.66
N ASN A 247 12.76 -22.50 16.52
CA ASN A 247 12.10 -22.51 15.22
C ASN A 247 12.82 -21.63 14.23
N ARG A 248 12.75 -21.99 12.96
CA ARG A 248 13.40 -21.21 11.91
C ARG A 248 12.66 -19.90 11.64
N TRP A 249 11.33 -19.94 11.63
CA TRP A 249 10.53 -18.76 11.32
C TRP A 249 10.27 -17.89 12.54
N LEU A 250 10.31 -18.46 13.74
CA LEU A 250 10.01 -17.72 14.96
C LEU A 250 11.22 -16.98 15.52
N ARG A 251 12.24 -16.74 14.69
CA ARG A 251 13.38 -15.95 15.13
C ARG A 251 12.97 -14.48 15.30
N THR A 252 13.76 -13.78 16.13
CA THR A 252 13.54 -12.37 16.44
C THR A 252 12.16 -12.09 17.02
N ILE A 253 11.56 -13.10 17.66
CA ILE A 253 10.27 -12.96 18.33
C ILE A 253 10.47 -13.41 19.78
N SER A 254 10.30 -12.49 20.72
CA SER A 254 10.45 -12.83 22.12
C SER A 254 9.23 -13.61 22.60
N VAL A 255 9.42 -14.34 23.70
CA VAL A 255 8.39 -15.20 24.27
C VAL A 255 8.17 -14.81 25.73
N ILE A 256 6.91 -14.71 26.13
CA ILE A 256 6.52 -14.55 27.52
C ILE A 256 6.16 -15.92 28.07
N LEU A 257 6.73 -16.27 29.22
CA LEU A 257 6.63 -17.62 29.78
C LEU A 257 5.92 -17.55 31.14
N PHE A 258 4.62 -17.80 31.13
CA PHE A 258 3.87 -17.90 32.37
C PHE A 258 4.10 -19.26 33.02
N LEU A 259 3.98 -19.29 34.35
CA LEU A 259 4.06 -20.51 35.15
C LEU A 259 2.76 -20.59 35.95
N ASN A 260 1.74 -21.20 35.36
CA ASN A 260 0.41 -21.16 35.94
C ASN A 260 0.29 -22.09 37.15
N THR A 303 9.57 -22.40 47.97
CA THR A 303 10.26 -21.31 47.31
C THR A 303 11.48 -21.86 46.58
N ARG A 304 12.03 -22.94 47.09
CA ARG A 304 13.17 -23.60 46.45
C ARG A 304 12.72 -24.39 45.24
N ALA A 305 11.56 -25.04 45.37
CA ALA A 305 11.01 -25.84 44.30
C ALA A 305 10.57 -25.02 43.09
N LYS A 306 9.93 -23.88 43.32
CA LYS A 306 9.44 -23.06 42.20
C LYS A 306 10.57 -22.71 41.23
N TYR A 307 11.73 -22.33 41.74
CA TYR A 307 12.77 -21.76 40.89
C TYR A 307 13.50 -22.80 40.04
N PHE A 308 13.44 -24.08 40.42
CA PHE A 308 14.10 -25.11 39.63
C PHE A 308 13.50 -25.21 38.23
N ILE A 309 12.17 -25.22 38.14
CA ILE A 309 11.50 -25.31 36.85
C ILE A 309 11.79 -24.05 36.03
N ARG A 310 11.79 -22.89 36.68
CA ARG A 310 12.09 -21.66 35.97
C ARG A 310 13.51 -21.66 35.40
N ASP A 311 14.48 -22.16 36.19
CA ASP A 311 15.84 -22.25 35.68
C ASP A 311 15.95 -23.23 34.53
N GLU A 312 15.20 -24.33 34.62
CA GLU A 312 15.20 -25.33 33.56
C GLU A 312 14.68 -24.72 32.27
N PHE A 313 13.61 -23.93 32.40
CA PHE A 313 13.03 -23.26 31.23
C PHE A 313 14.00 -22.23 30.66
N LEU A 314 14.64 -21.44 31.52
CA LEU A 314 15.57 -20.42 31.06
C LEU A 314 16.84 -21.00 30.46
N ARG A 315 17.15 -22.27 30.75
CA ARG A 315 18.38 -22.87 30.22
C ARG A 315 18.39 -22.88 28.70
N ILE A 316 17.26 -23.22 28.07
CA ILE A 316 17.19 -23.25 26.61
C ILE A 316 17.25 -21.83 26.05
N SER A 317 16.53 -20.90 26.68
CA SER A 317 16.51 -19.52 26.18
C SER A 317 17.87 -18.85 26.31
N THR A 318 18.70 -19.38 27.20
CA THR A 318 20.03 -18.85 27.43
C THR A 318 21.08 -19.50 26.54
N ALA A 319 20.78 -20.69 26.01
CA ALA A 319 21.73 -21.42 25.16
C ALA A 319 21.64 -21.12 23.66
N SER A 320 20.74 -20.22 23.28
CA SER A 320 20.56 -19.78 21.90
C SER A 320 19.90 -18.39 21.86
N GLY A 321 19.91 -17.78 20.67
CA GLY A 321 19.33 -16.46 20.48
C GLY A 321 19.93 -15.26 21.20
N ASP A 322 21.24 -15.15 21.18
CA ASP A 322 21.92 -14.10 21.95
C ASP A 322 21.33 -12.71 21.89
N GLY A 323 21.17 -12.15 20.69
CA GLY A 323 20.76 -10.77 20.61
C GLY A 323 19.37 -10.51 20.07
N ARG A 324 18.53 -11.54 19.95
CA ARG A 324 17.21 -11.36 19.34
C ARG A 324 15.95 -11.63 20.18
N HIS A 325 15.80 -12.85 20.68
CA HIS A 325 14.59 -13.26 21.41
C HIS A 325 14.20 -12.67 22.77
N TYR A 326 15.16 -12.58 23.70
CA TYR A 326 14.88 -12.08 25.06
C TYR A 326 13.64 -12.47 25.90
N CYS A 327 13.40 -13.77 26.06
CA CYS A 327 12.28 -14.25 26.88
C CYS A 327 12.11 -13.72 28.30
N TYR A 328 10.88 -13.71 28.82
CA TYR A 328 10.57 -13.20 30.17
C TYR A 328 9.66 -14.10 31.02
N PRO A 329 10.22 -14.79 32.03
CA PRO A 329 9.51 -15.68 32.95
C PRO A 329 8.63 -14.92 33.94
N HIS A 330 7.62 -15.64 34.45
CA HIS A 330 6.67 -15.08 35.39
C HIS A 330 6.13 -16.20 36.27
N PHE A 331 5.47 -15.80 37.36
CA PHE A 331 4.84 -16.73 38.30
C PHE A 331 3.39 -16.28 38.48
N THR A 332 2.51 -16.75 37.62
CA THR A 332 1.12 -16.34 37.60
C THR A 332 0.20 -17.49 38.00
N CYS A 333 -1.07 -17.15 38.20
CA CYS A 333 -2.11 -18.12 38.51
C CYS A 333 -3.30 -17.87 37.58
N ASP A 336 -5.69 -14.99 39.28
CA ASP A 336 -5.08 -13.67 39.42
C ASP A 336 -5.85 -12.61 38.63
N THR A 337 -5.67 -11.37 39.03
CA THR A 337 -6.36 -10.24 38.42
C THR A 337 -5.41 -9.21 37.84
N GLU A 338 -4.10 -9.46 37.86
CA GLU A 338 -3.11 -8.52 37.35
C GLU A 338 -2.41 -9.06 36.10
N ASN A 339 -3.01 -10.03 35.42
CA ASN A 339 -2.39 -10.61 34.24
C ASN A 339 -2.37 -9.66 33.05
N ALA A 340 -3.19 -8.61 33.07
CA ALA A 340 -3.20 -7.63 32.00
C ALA A 340 -2.11 -6.58 32.12
N ARG A 341 -1.46 -6.48 33.28
CA ARG A 341 -0.38 -5.53 33.46
C ARG A 341 0.99 -6.10 33.10
N ARG A 342 1.21 -7.39 33.36
CA ARG A 342 2.49 -8.00 33.01
C ARG A 342 2.71 -8.01 31.51
N ILE A 343 1.67 -8.34 30.74
CA ILE A 343 1.79 -8.34 29.29
C ILE A 343 2.08 -6.93 28.78
N PHE A 344 1.41 -5.93 29.34
CA PHE A 344 1.66 -4.54 28.96
C PHE A 344 3.10 -4.15 29.26
N ASN A 345 3.60 -4.50 30.45
CA ASN A 345 4.96 -4.14 30.82
C ASN A 345 5.99 -4.82 29.91
N ASP A 346 5.78 -6.11 29.62
CA ASP A 346 6.74 -6.81 28.77
C ASP A 346 6.70 -6.31 27.34
N CYS A 347 5.51 -5.98 26.82
CA CYS A 347 5.44 -5.37 25.49
C CYS A 347 6.15 -4.03 25.46
N ARG A 348 6.01 -3.26 26.54
CA ARG A 348 6.65 -1.98 26.66
C ARG A 348 8.17 -2.15 26.64
N ASP A 349 8.65 -3.16 27.35
CA ASP A 349 10.09 -3.46 27.38
C ASP A 349 10.60 -3.89 26.01
N ILE A 350 9.84 -4.74 25.32
CA ILE A 350 10.25 -5.23 24.01
C ILE A 350 10.38 -4.06 23.03
N ILE A 351 9.35 -3.20 22.99
CA ILE A 351 9.39 -2.08 22.04
C ILE A 351 10.48 -1.09 22.41
N GLN A 352 10.71 -0.88 23.71
CA GLN A 352 11.78 0.02 24.15
C GLN A 352 13.14 -0.50 23.73
N ARG A 353 13.39 -1.80 23.92
CA ARG A 353 14.67 -2.38 23.50
C ARG A 353 14.83 -2.33 21.99
N MET A 354 13.74 -2.56 21.24
CA MET A 354 13.81 -2.46 19.78
C MET A 354 14.17 -1.04 19.34
N HIS A 355 13.53 -0.05 19.95
CA HIS A 355 13.84 1.34 19.61
C HIS A 355 15.26 1.70 19.97
N LEU A 356 15.73 1.26 21.13
CA LEU A 356 17.10 1.56 21.55
C LEU A 356 18.09 0.86 20.63
N ARG A 357 17.78 -0.38 20.26
CA ARG A 357 18.66 -1.13 19.38
C ARG A 357 18.78 -0.48 18.02
N GLN A 358 17.69 0.11 17.54
CA GLN A 358 17.63 0.75 16.22
C GLN A 358 18.39 2.08 16.09
N TYR A 359 18.52 2.79 17.19
CA TYR A 359 19.18 4.09 17.22
C TYR A 359 20.64 3.99 17.60
N GLU A 360 21.16 2.76 17.62
CA GLU A 360 22.53 2.43 17.99
C GLU A 360 22.79 2.89 19.41
N LEU A 361 21.75 2.84 20.23
CA LEU A 361 21.90 3.28 21.62
C LEU A 361 22.01 2.10 22.59
N LEU A 362 22.14 0.88 22.08
CA LEU A 362 22.16 -0.30 22.93
C LEU A 362 22.81 -1.47 22.20
N ASP B 49 17.27 -29.05 -29.43
CA ASP B 49 17.69 -27.66 -29.25
C ASP B 49 17.20 -27.11 -27.93
N PRO B 50 18.04 -26.29 -27.26
CA PRO B 50 17.75 -25.67 -25.97
C PRO B 50 16.97 -24.37 -26.15
N VAL B 51 16.72 -23.63 -25.07
CA VAL B 51 15.99 -22.38 -25.19
C VAL B 51 16.94 -21.20 -25.12
N GLY B 52 17.86 -21.23 -24.17
CA GLY B 52 18.80 -20.14 -23.98
C GLY B 52 18.37 -19.18 -22.88
N ARG B 53 19.11 -18.09 -22.78
CA ARG B 53 18.85 -17.09 -21.76
C ARG B 53 17.47 -16.46 -21.95
N ILE B 54 16.76 -16.30 -20.84
CA ILE B 54 15.45 -15.63 -20.83
C ILE B 54 15.52 -14.52 -19.78
N GLN B 55 15.31 -13.29 -20.22
CA GLN B 55 15.36 -12.12 -19.35
C GLN B 55 13.98 -11.50 -19.26
N MET B 56 13.49 -11.33 -18.03
CA MET B 56 12.20 -10.72 -17.77
C MET B 56 12.40 -9.50 -16.88
N ARG B 57 11.74 -8.40 -17.24
CA ARG B 57 11.85 -7.15 -16.50
C ARG B 57 10.53 -6.80 -15.86
N THR B 58 10.59 -6.23 -14.66
CA THR B 58 9.39 -5.82 -13.94
C THR B 58 8.68 -4.70 -14.68
N ARG B 59 7.47 -4.95 -15.16
CA ARG B 59 6.72 -3.95 -15.89
C ARG B 59 5.81 -3.13 -14.99
N ARG B 60 5.18 -3.77 -14.01
CA ARG B 60 4.29 -3.07 -13.09
C ARG B 60 4.60 -3.52 -11.67
N THR B 61 4.28 -2.66 -10.71
CA THR B 61 4.41 -2.96 -9.29
C THR B 61 3.11 -2.59 -8.60
N LEU B 62 2.44 -3.59 -8.02
CA LEU B 62 1.11 -3.39 -7.44
C LEU B 62 1.20 -3.14 -5.94
N ARG B 63 1.78 -1.99 -5.60
CA ARG B 63 1.88 -1.59 -4.21
C ARG B 63 0.52 -1.18 -3.66
N GLY B 64 0.32 -1.41 -2.36
CA GLY B 64 -0.93 -1.06 -1.73
C GLY B 64 -1.39 -2.00 -0.64
N HIS B 65 -0.68 -3.11 -0.47
CA HIS B 65 -1.02 -4.09 0.56
C HIS B 65 -0.35 -3.73 1.88
N LEU B 66 -1.12 -3.82 2.96
CA LEU B 66 -0.60 -3.45 4.27
C LEU B 66 0.46 -4.44 4.76
N ALA B 67 0.16 -5.74 4.67
CA ALA B 67 1.06 -6.75 5.20
C ALA B 67 1.36 -7.82 4.14
N LYS B 68 2.03 -8.89 4.55
CA LYS B 68 2.45 -9.93 3.63
C LYS B 68 1.25 -10.60 2.96
N ILE B 69 1.50 -11.17 1.79
CA ILE B 69 0.47 -11.83 0.99
C ILE B 69 0.87 -13.29 0.78
N TYR B 70 -0.13 -14.18 0.84
CA TYR B 70 0.10 -15.59 0.53
C TYR B 70 -0.44 -15.99 -0.83
N ALA B 71 -1.61 -15.49 -1.24
CA ALA B 71 -2.30 -16.03 -2.40
C ALA B 71 -2.74 -14.91 -3.34
N MET B 72 -2.73 -15.25 -4.63
CA MET B 72 -3.31 -14.42 -5.67
C MET B 72 -3.76 -15.32 -6.80
N HIS B 73 -4.71 -14.82 -7.59
CA HIS B 73 -5.24 -15.57 -8.73
C HIS B 73 -5.55 -14.62 -9.88
N TRP B 74 -5.16 -15.03 -11.08
CA TRP B 74 -5.48 -14.29 -12.30
C TRP B 74 -6.93 -14.51 -12.69
N GLY B 75 -7.47 -13.56 -13.44
CA GLY B 75 -8.81 -13.69 -13.98
C GLY B 75 -8.85 -14.49 -15.26
N THR B 76 -10.06 -14.69 -15.75
CA THR B 76 -10.27 -15.41 -17.00
C THR B 76 -9.96 -14.55 -18.22
N ASP B 77 -10.28 -13.25 -18.15
CA ASP B 77 -10.02 -12.33 -19.25
C ASP B 77 -8.58 -11.84 -19.29
N SER B 78 -7.72 -12.35 -18.40
CA SER B 78 -6.29 -12.01 -18.38
C SER B 78 -6.06 -10.53 -18.13
N ARG B 79 -6.99 -9.87 -17.45
CA ARG B 79 -6.87 -8.45 -17.14
C ARG B 79 -6.94 -8.14 -15.66
N LEU B 80 -7.84 -8.79 -14.92
CA LEU B 80 -8.02 -8.54 -13.50
C LEU B 80 -7.42 -9.69 -12.68
N LEU B 81 -6.79 -9.35 -11.56
CA LEU B 81 -6.29 -10.35 -10.64
C LEU B 81 -6.76 -10.01 -9.23
N VAL B 82 -6.74 -11.01 -8.36
CA VAL B 82 -7.16 -10.86 -6.97
C VAL B 82 -6.03 -11.31 -6.06
N SER B 83 -5.80 -10.56 -4.98
CA SER B 83 -4.72 -10.88 -4.05
C SER B 83 -5.23 -10.78 -2.62
N ALA B 84 -4.68 -11.64 -1.75
CA ALA B 84 -5.10 -11.73 -0.36
C ALA B 84 -3.96 -11.33 0.56
N SER B 85 -4.27 -10.59 1.62
CA SER B 85 -3.28 -10.13 2.58
C SER B 85 -3.64 -10.61 3.98
N GLN B 86 -2.63 -10.59 4.85
CA GLN B 86 -2.79 -11.07 6.23
C GLN B 86 -3.41 -10.04 7.16
N ASP B 87 -3.64 -8.82 6.70
CA ASP B 87 -4.35 -7.84 7.52
C ASP B 87 -5.85 -7.86 7.29
N GLY B 88 -6.34 -8.78 6.46
CA GLY B 88 -7.77 -8.89 6.19
C GLY B 88 -8.20 -8.08 4.98
N LYS B 89 -7.54 -8.30 3.84
CA LYS B 89 -7.84 -7.56 2.63
C LYS B 89 -7.81 -8.49 1.43
N LEU B 90 -8.83 -8.39 0.58
CA LEU B 90 -8.86 -8.99 -0.75
C LEU B 90 -8.93 -7.83 -1.74
N ILE B 91 -7.84 -7.59 -2.45
CA ILE B 91 -7.73 -6.45 -3.35
C ILE B 91 -7.72 -6.96 -4.79
N ILE B 92 -8.57 -6.37 -5.62
CA ILE B 92 -8.66 -6.71 -7.03
C ILE B 92 -7.93 -5.64 -7.83
N TRP B 93 -6.92 -6.06 -8.58
CA TRP B 93 -6.07 -5.16 -9.35
C TRP B 93 -6.37 -5.30 -10.83
N ASP B 94 -6.55 -4.16 -11.50
CA ASP B 94 -6.53 -4.09 -12.96
C ASP B 94 -5.07 -4.08 -13.40
N SER B 95 -4.67 -5.11 -14.14
CA SER B 95 -3.25 -5.34 -14.40
C SER B 95 -2.65 -4.23 -15.26
N TYR B 96 -3.36 -3.83 -16.32
CA TYR B 96 -2.77 -2.91 -17.29
C TYR B 96 -2.51 -1.53 -16.70
N THR B 97 -3.53 -0.95 -16.06
CA THR B 97 -3.44 0.42 -15.57
C THR B 97 -3.02 0.53 -14.12
N THR B 98 -2.80 -0.60 -13.43
CA THR B 98 -2.37 -0.62 -12.04
C THR B 98 -3.36 0.15 -11.15
N ASN B 99 -4.64 -0.13 -11.36
CA ASN B 99 -5.70 0.50 -10.57
C ASN B 99 -6.12 -0.45 -9.44
N LYS B 100 -7.19 -0.08 -8.74
CA LYS B 100 -7.74 -0.90 -7.67
C LYS B 100 -9.25 -0.88 -7.80
N VAL B 101 -9.83 -2.01 -8.25
CA VAL B 101 -11.27 -2.05 -8.50
C VAL B 101 -12.04 -2.29 -7.20
N HIS B 102 -11.65 -3.30 -6.43
CA HIS B 102 -12.32 -3.63 -5.18
C HIS B 102 -11.29 -3.84 -4.08
N ALA B 103 -11.70 -3.49 -2.86
CA ALA B 103 -10.87 -3.55 -1.66
C ALA B 103 -11.60 -4.27 -0.53
N ILE B 104 -12.09 -5.46 -0.84
CA ILE B 104 -12.99 -6.20 0.07
C ILE B 104 -12.31 -6.42 1.42
N PRO B 105 -13.02 -6.17 2.53
CA PRO B 105 -12.49 -6.40 3.89
C PRO B 105 -12.90 -7.79 4.38
N LEU B 106 -11.98 -8.53 4.99
CA LEU B 106 -12.25 -9.90 5.41
C LEU B 106 -12.79 -9.94 6.84
N ARG B 107 -13.28 -11.13 7.22
CA ARG B 107 -13.79 -11.37 8.57
C ARG B 107 -12.67 -11.83 9.50
N SER B 108 -11.92 -12.85 9.10
CA SER B 108 -10.77 -13.33 9.84
C SER B 108 -9.51 -12.89 9.11
N SER B 109 -8.59 -12.26 9.85
CA SER B 109 -7.38 -11.70 9.25
C SER B 109 -6.42 -12.76 8.73
N TRP B 110 -6.59 -14.02 9.12
CA TRP B 110 -5.66 -15.09 8.75
C TRP B 110 -6.24 -15.85 7.57
N VAL B 111 -5.83 -15.46 6.37
CA VAL B 111 -6.26 -16.07 5.12
C VAL B 111 -5.05 -16.67 4.43
N MET B 112 -5.21 -17.89 3.92
CA MET B 112 -4.10 -18.61 3.30
C MET B 112 -4.31 -18.93 1.83
N THR B 113 -5.49 -18.66 1.27
CA THR B 113 -5.76 -19.01 -0.12
C THR B 113 -6.74 -18.01 -0.71
N CYS B 114 -6.80 -17.98 -2.03
CA CYS B 114 -7.70 -17.09 -2.77
C CYS B 114 -7.94 -17.69 -4.14
N ALA B 115 -9.12 -17.40 -4.70
CA ALA B 115 -9.50 -17.92 -6.00
C ALA B 115 -10.41 -16.93 -6.70
N TYR B 116 -10.40 -16.98 -8.03
CA TYR B 116 -11.25 -16.15 -8.87
C TYR B 116 -12.12 -17.05 -9.73
N ALA B 117 -13.42 -16.75 -9.77
CA ALA B 117 -14.35 -17.59 -10.52
C ALA B 117 -14.08 -17.49 -12.02
N PRO B 118 -14.35 -18.56 -12.77
CA PRO B 118 -14.16 -18.50 -14.23
C PRO B 118 -15.00 -17.44 -14.90
N SER B 119 -16.21 -17.17 -14.39
CA SER B 119 -17.06 -16.14 -14.96
C SER B 119 -16.76 -14.75 -14.41
N GLY B 120 -15.90 -14.64 -13.41
CA GLY B 120 -15.59 -13.35 -12.83
C GLY B 120 -16.67 -12.79 -11.93
N ASN B 121 -17.66 -13.58 -11.56
CA ASN B 121 -18.77 -13.10 -10.76
C ASN B 121 -18.58 -13.33 -9.26
N TYR B 122 -17.71 -14.25 -8.87
CA TYR B 122 -17.53 -14.62 -7.48
C TYR B 122 -16.05 -14.67 -7.13
N VAL B 123 -15.74 -14.46 -5.86
CA VAL B 123 -14.37 -14.58 -5.35
C VAL B 123 -14.41 -15.33 -4.02
N ALA B 124 -13.47 -16.25 -3.82
CA ALA B 124 -13.47 -17.11 -2.65
C ALA B 124 -12.22 -16.87 -1.82
N CYS B 125 -12.34 -17.15 -0.52
CA CYS B 125 -11.20 -17.05 0.38
C CYS B 125 -11.39 -18.01 1.55
N GLY B 126 -10.28 -18.30 2.23
CA GLY B 126 -10.32 -19.17 3.39
C GLY B 126 -9.00 -19.16 4.10
N GLY B 127 -9.02 -19.68 5.34
CA GLY B 127 -7.81 -19.69 6.15
C GLY B 127 -7.92 -20.50 7.42
N LEU B 128 -7.34 -19.97 8.51
CA LEU B 128 -7.33 -20.67 9.79
C LEU B 128 -8.70 -20.76 10.43
N ASP B 129 -9.70 -20.04 9.93
CA ASP B 129 -11.01 -19.99 10.56
C ASP B 129 -11.88 -21.19 10.22
N ASN B 130 -11.42 -22.11 9.36
CA ASN B 130 -12.18 -23.27 8.92
C ASN B 130 -13.44 -22.88 8.16
N ILE B 131 -13.48 -21.66 7.62
CA ILE B 131 -14.64 -21.17 6.89
C ILE B 131 -14.19 -20.75 5.49
N CYS B 132 -14.96 -21.16 4.48
CA CYS B 132 -14.75 -20.71 3.12
C CYS B 132 -15.78 -19.61 2.82
N SER B 133 -15.29 -18.40 2.59
CA SER B 133 -16.15 -17.26 2.34
C SER B 133 -16.23 -17.00 0.84
N ILE B 134 -17.45 -16.80 0.34
CA ILE B 134 -17.69 -16.52 -1.07
C ILE B 134 -18.34 -15.15 -1.18
N TYR B 135 -17.76 -14.29 -2.00
CA TYR B 135 -18.21 -12.91 -2.17
C TYR B 135 -18.70 -12.72 -3.60
N ASN B 136 -19.84 -12.04 -3.73
CA ASN B 136 -20.44 -11.73 -5.02
C ASN B 136 -20.01 -10.34 -5.45
N LEU B 137 -19.54 -10.22 -6.70
CA LEU B 137 -19.06 -8.95 -7.23
C LEU B 137 -20.13 -8.20 -8.02
N LYS B 138 -20.83 -8.89 -8.92
CA LYS B 138 -21.83 -8.25 -9.78
C LYS B 138 -23.20 -8.21 -9.10
N THR B 139 -23.23 -7.61 -7.92
CA THR B 139 -24.47 -7.46 -7.19
C THR B 139 -25.23 -6.23 -7.67
N ARG B 140 -26.50 -6.14 -7.25
CA ARG B 140 -27.34 -5.02 -7.66
C ARG B 140 -26.82 -3.70 -7.09
N GLU B 141 -26.22 -3.73 -5.90
CA GLU B 141 -25.72 -2.53 -5.26
C GLU B 141 -24.26 -2.33 -5.66
N GLY B 142 -23.59 -1.38 -5.01
CA GLY B 142 -22.19 -1.09 -5.28
C GLY B 142 -21.21 -1.62 -4.26
N ASN B 143 -21.63 -2.52 -3.37
CA ASN B 143 -20.77 -3.05 -2.33
C ASN B 143 -20.70 -4.58 -2.45
N VAL B 144 -19.49 -5.11 -2.30
CA VAL B 144 -19.28 -6.55 -2.31
C VAL B 144 -19.69 -7.12 -0.96
N ARG B 145 -20.52 -8.15 -0.97
CA ARG B 145 -21.02 -8.76 0.25
C ARG B 145 -20.93 -10.27 0.14
N VAL B 146 -20.90 -10.94 1.30
CA VAL B 146 -20.79 -12.39 1.34
C VAL B 146 -22.05 -13.02 0.77
N SER B 147 -21.87 -14.16 0.10
CA SER B 147 -22.99 -14.94 -0.41
C SER B 147 -23.05 -16.34 0.16
N ARG B 148 -21.92 -16.93 0.54
CA ARG B 148 -21.91 -18.25 1.14
C ARG B 148 -20.78 -18.33 2.17
N GLU B 149 -21.06 -19.03 3.27
CA GLU B 149 -20.14 -19.15 4.41
C GLU B 149 -20.05 -20.64 4.74
N LEU B 150 -19.14 -21.34 4.07
CA LEU B 150 -19.06 -22.79 4.18
C LEU B 150 -18.27 -23.17 5.42
N ALA B 151 -18.86 -24.03 6.26
CA ALA B 151 -18.25 -24.50 7.51
C ALA B 151 -18.37 -26.01 7.58
N GLY B 152 -17.38 -26.71 7.03
CA GLY B 152 -17.39 -28.16 7.06
C GLY B 152 -16.06 -28.80 7.42
N HIS B 153 -14.99 -28.00 7.46
CA HIS B 153 -13.65 -28.51 7.68
C HIS B 153 -13.23 -28.30 9.13
N THR B 154 -12.29 -29.14 9.58
CA THR B 154 -11.78 -29.10 10.93
C THR B 154 -10.32 -28.67 11.03
N GLY B 155 -9.55 -28.76 9.95
CA GLY B 155 -8.17 -28.34 9.96
C GLY B 155 -8.01 -26.87 9.68
N TYR B 156 -7.22 -26.52 8.66
CA TYR B 156 -7.12 -25.15 8.21
C TYR B 156 -7.17 -25.15 6.68
N LEU B 157 -8.00 -24.28 6.12
CA LEU B 157 -8.15 -24.23 4.67
C LEU B 157 -6.86 -23.77 4.01
N SER B 158 -6.34 -24.59 3.10
CA SER B 158 -5.11 -24.28 2.40
C SER B 158 -5.30 -24.02 0.91
N CYS B 159 -6.38 -24.50 0.30
CA CYS B 159 -6.59 -24.23 -1.11
C CYS B 159 -8.08 -24.34 -1.43
N CYS B 160 -8.50 -23.60 -2.45
CA CYS B 160 -9.87 -23.67 -2.94
C CYS B 160 -9.88 -23.28 -4.41
N ARG B 161 -10.52 -24.10 -5.25
CA ARG B 161 -10.54 -23.88 -6.68
C ARG B 161 -11.97 -24.04 -7.21
N PHE B 162 -12.41 -23.11 -8.04
CA PHE B 162 -13.73 -23.17 -8.63
C PHE B 162 -13.75 -24.14 -9.80
N LEU B 163 -14.71 -25.06 -9.79
CA LEU B 163 -14.98 -25.91 -10.95
C LEU B 163 -15.93 -25.21 -11.91
N ASP B 164 -17.10 -24.81 -11.42
CA ASP B 164 -18.08 -24.05 -12.17
C ASP B 164 -18.61 -22.95 -11.27
N ASP B 165 -19.69 -22.30 -11.71
CA ASP B 165 -20.26 -21.20 -10.94
C ASP B 165 -20.94 -21.66 -9.65
N ASN B 166 -21.15 -22.96 -9.49
CA ASN B 166 -21.84 -23.48 -8.32
C ASN B 166 -21.09 -24.60 -7.61
N GLN B 167 -19.88 -24.88 -8.05
CA GLN B 167 -19.07 -25.94 -7.46
C GLN B 167 -17.71 -25.39 -7.08
N ILE B 168 -17.10 -26.02 -6.07
CA ILE B 168 -15.79 -25.60 -5.60
C ILE B 168 -15.14 -26.76 -4.87
N VAL B 169 -13.86 -26.99 -5.15
CA VAL B 169 -13.07 -28.03 -4.50
C VAL B 169 -12.20 -27.38 -3.45
N THR B 170 -12.27 -27.88 -2.22
CA THR B 170 -11.56 -27.31 -1.09
C THR B 170 -10.57 -28.33 -0.52
N SER B 171 -9.37 -27.85 -0.20
CA SER B 171 -8.32 -28.64 0.43
C SER B 171 -7.93 -27.96 1.73
N SER B 172 -8.01 -28.74 2.81
CA SER B 172 -7.74 -28.31 4.17
C SER B 172 -6.57 -29.01 4.88
N GLY B 173 -6.46 -28.74 6.17
CA GLY B 173 -5.39 -29.24 7.01
C GLY B 173 -5.62 -30.54 7.78
N ASP B 174 -6.75 -31.20 7.57
CA ASP B 174 -7.04 -32.44 8.27
C ASP B 174 -6.82 -33.67 7.41
N THR B 175 -6.00 -33.49 6.38
CA THR B 175 -5.60 -34.54 5.43
C THR B 175 -6.75 -35.20 4.67
N THR B 176 -7.71 -34.37 4.26
CA THR B 176 -8.87 -34.80 3.48
C THR B 176 -9.17 -33.70 2.48
N CYS B 177 -9.96 -34.01 1.46
CA CYS B 177 -10.29 -32.96 0.48
C CYS B 177 -11.82 -33.01 0.30
N ALA B 178 -12.43 -31.97 -0.26
CA ALA B 178 -13.88 -32.04 -0.39
C ALA B 178 -14.40 -31.22 -1.56
N LEU B 179 -15.62 -31.52 -1.98
CA LEU B 179 -16.29 -30.83 -3.07
C LEU B 179 -17.62 -30.31 -2.55
N TRP B 180 -17.86 -29.01 -2.70
CA TRP B 180 -19.08 -28.41 -2.18
C TRP B 180 -20.04 -27.95 -3.25
N ASP B 181 -21.24 -27.60 -2.82
CA ASP B 181 -22.27 -27.08 -3.70
C ASP B 181 -22.54 -25.72 -3.09
N ILE B 182 -22.35 -24.65 -3.84
CA ILE B 182 -22.56 -23.31 -3.30
C ILE B 182 -24.01 -22.97 -2.94
N GLU B 183 -24.96 -23.37 -3.78
CA GLU B 183 -26.37 -23.08 -3.52
C GLU B 183 -26.83 -23.61 -2.17
N THR B 184 -26.71 -24.92 -1.98
CA THR B 184 -27.10 -25.59 -0.75
C THR B 184 -25.79 -26.09 -0.19
N GLY B 185 -25.25 -25.41 0.81
CA GLY B 185 -23.96 -25.82 1.33
C GLY B 185 -24.01 -27.23 1.88
N GLN B 186 -23.06 -28.03 1.40
CA GLN B 186 -22.91 -29.44 1.75
C GLN B 186 -21.64 -29.96 1.11
N GLN B 187 -21.35 -31.22 1.38
CA GLN B 187 -20.19 -31.92 0.84
C GLN B 187 -20.67 -33.18 0.15
N THR B 188 -20.96 -33.08 -1.15
CA THR B 188 -21.39 -34.25 -1.91
C THR B 188 -20.28 -35.30 -1.98
N THR B 189 -19.05 -34.86 -2.17
CA THR B 189 -17.89 -35.75 -2.24
C THR B 189 -16.86 -35.33 -1.22
N THR B 190 -16.35 -36.31 -0.46
CA THR B 190 -15.35 -36.07 0.58
C THR B 190 -14.20 -37.05 0.34
N PHE B 191 -13.21 -36.62 -0.43
CA PHE B 191 -12.08 -37.49 -0.76
C PHE B 191 -11.24 -37.75 0.49
N THR B 192 -10.80 -39.00 0.64
CA THR B 192 -10.04 -39.42 1.81
C THR B 192 -8.89 -40.30 1.36
N GLY B 193 -7.84 -40.36 2.19
CA GLY B 193 -6.71 -41.21 1.91
C GLY B 193 -5.38 -40.61 2.30
N HIS B 194 -5.33 -39.28 2.41
CA HIS B 194 -4.10 -38.60 2.80
C HIS B 194 -3.85 -38.76 4.29
N THR B 195 -2.58 -38.64 4.67
CA THR B 195 -2.17 -38.74 6.06
C THR B 195 -1.84 -37.38 6.68
N GLY B 196 -0.92 -36.63 6.09
CA GLY B 196 -0.60 -35.31 6.57
C GLY B 196 -1.55 -34.25 6.01
N ASP B 197 -1.41 -33.03 6.55
CA ASP B 197 -2.20 -31.92 6.04
C ASP B 197 -1.85 -31.64 4.59
N VAL B 198 -2.87 -31.35 3.79
CA VAL B 198 -2.70 -31.16 2.35
C VAL B 198 -2.42 -29.68 2.09
N MET B 199 -1.41 -29.40 1.28
CA MET B 199 -0.94 -28.03 1.11
C MET B 199 -1.21 -27.43 -0.27
N SER B 200 -1.60 -28.24 -1.25
CA SER B 200 -1.77 -27.71 -2.60
C SER B 200 -2.79 -28.55 -3.36
N LEU B 201 -3.49 -27.91 -4.29
CA LEU B 201 -4.49 -28.53 -5.13
C LEU B 201 -4.47 -27.87 -6.51
N SER B 202 -4.80 -28.64 -7.53
CA SER B 202 -4.83 -28.12 -8.90
C SER B 202 -5.79 -28.95 -9.75
N LEU B 203 -6.70 -28.28 -10.43
CA LEU B 203 -7.64 -28.95 -11.33
C LEU B 203 -7.03 -29.13 -12.71
N ALA B 204 -7.67 -29.99 -13.49
CA ALA B 204 -7.24 -30.27 -14.86
C ALA B 204 -8.04 -29.38 -15.80
N PRO B 205 -7.56 -29.21 -17.04
CA PRO B 205 -8.27 -28.35 -18.00
C PRO B 205 -9.67 -28.88 -18.29
N ASP B 206 -9.79 -30.20 -18.45
CA ASP B 206 -11.06 -30.86 -18.75
C ASP B 206 -11.99 -30.85 -17.54
N THR B 207 -11.37 -30.69 -16.38
CA THR B 207 -12.01 -30.71 -15.05
C THR B 207 -12.61 -32.08 -14.76
N ARG B 208 -11.88 -33.13 -15.15
CA ARG B 208 -12.31 -34.50 -14.90
C ARG B 208 -11.62 -34.96 -13.61
N LEU B 209 -10.34 -34.61 -13.48
CA LEU B 209 -9.58 -35.01 -12.31
C LEU B 209 -8.77 -33.84 -11.73
N PHE B 210 -8.29 -34.00 -10.51
CA PHE B 210 -7.47 -32.99 -9.85
C PHE B 210 -6.50 -33.61 -8.85
N VAL B 211 -5.21 -33.38 -9.06
CA VAL B 211 -4.17 -33.96 -8.22
C VAL B 211 -4.06 -33.12 -6.95
N SER B 212 -3.65 -33.78 -5.86
CA SER B 212 -3.56 -33.14 -4.56
C SER B 212 -2.28 -33.57 -3.88
N GLY B 213 -1.58 -32.60 -3.27
CA GLY B 213 -0.34 -32.88 -2.58
C GLY B 213 -0.37 -32.54 -1.11
N ALA B 214 0.01 -33.49 -0.27
CA ALA B 214 -0.04 -33.35 1.18
C ALA B 214 1.36 -33.36 1.78
N CYS B 215 1.42 -33.13 3.08
CA CYS B 215 2.69 -33.16 3.80
C CYS B 215 3.06 -34.59 4.17
N ASP B 216 3.02 -35.50 3.18
CA ASP B 216 3.42 -36.88 3.40
C ASP B 216 4.23 -37.44 2.23
N ALA B 217 4.78 -36.56 1.39
CA ALA B 217 5.65 -36.95 0.28
C ALA B 217 4.95 -37.86 -0.72
N SER B 218 3.70 -37.53 -1.03
CA SER B 218 2.95 -38.28 -2.03
C SER B 218 1.90 -37.38 -2.66
N ALA B 219 1.70 -37.53 -3.96
CA ALA B 219 0.70 -36.80 -4.71
C ALA B 219 -0.36 -37.77 -5.21
N LYS B 220 -1.62 -37.47 -4.94
CA LYS B 220 -2.73 -38.37 -5.24
C LYS B 220 -3.65 -37.76 -6.28
N LEU B 221 -3.93 -38.53 -7.34
CA LEU B 221 -4.95 -38.14 -8.31
C LEU B 221 -6.32 -38.60 -7.83
N TRP B 222 -7.33 -37.77 -8.05
CA TRP B 222 -8.69 -38.07 -7.62
C TRP B 222 -9.62 -38.09 -8.82
N ASP B 223 -10.84 -38.56 -8.57
CA ASP B 223 -11.90 -38.58 -9.57
C ASP B 223 -13.07 -37.76 -9.04
N VAL B 224 -13.52 -36.79 -9.83
CA VAL B 224 -14.56 -35.88 -9.37
C VAL B 224 -15.89 -36.62 -9.20
N ARG B 225 -16.21 -37.51 -10.14
CA ARG B 225 -17.52 -38.16 -10.12
C ARG B 225 -17.56 -39.30 -9.10
N GLU B 226 -16.72 -40.31 -9.27
CA GLU B 226 -16.73 -41.44 -8.35
C GLU B 226 -16.30 -41.03 -6.96
N GLY B 227 -15.28 -40.20 -6.84
CA GLY B 227 -14.83 -39.73 -5.55
C GLY B 227 -13.95 -40.73 -4.81
N MET B 228 -12.91 -41.22 -5.49
CA MET B 228 -11.99 -42.18 -4.89
C MET B 228 -10.61 -41.97 -5.49
N CYS B 229 -9.60 -42.42 -4.75
CA CYS B 229 -8.23 -42.31 -5.22
C CYS B 229 -8.02 -43.19 -6.44
N ARG B 230 -7.33 -42.66 -7.44
CA ARG B 230 -7.06 -43.37 -8.68
C ARG B 230 -5.59 -43.75 -8.84
N GLN B 231 -4.69 -42.86 -8.43
CA GLN B 231 -3.27 -43.13 -8.54
C GLN B 231 -2.53 -42.32 -7.48
N THR B 232 -1.40 -42.86 -7.03
CA THR B 232 -0.56 -42.20 -6.03
C THR B 232 0.90 -42.26 -6.50
N PHE B 233 1.56 -41.11 -6.47
CA PHE B 233 2.96 -40.99 -6.87
C PHE B 233 3.78 -40.60 -5.65
N THR B 234 4.81 -41.41 -5.36
CA THR B 234 5.68 -41.20 -4.19
C THR B 234 7.12 -41.10 -4.68
N GLY B 235 7.62 -39.87 -4.80
CA GLY B 235 8.99 -39.67 -5.25
C GLY B 235 9.69 -38.54 -4.54
N HIS B 236 9.17 -38.15 -3.38
CA HIS B 236 9.72 -37.05 -2.59
C HIS B 236 10.19 -37.56 -1.24
N GLU B 237 11.24 -36.92 -0.71
CA GLU B 237 11.74 -37.23 0.62
C GLU B 237 11.16 -36.31 1.69
N SER B 238 10.58 -35.18 1.31
CA SER B 238 9.96 -34.27 2.26
C SER B 238 8.54 -33.93 1.83
N ASP B 239 7.92 -32.97 2.50
CA ASP B 239 6.55 -32.59 2.20
C ASP B 239 6.46 -31.76 0.92
N ILE B 240 5.26 -31.73 0.34
CA ILE B 240 5.00 -31.05 -0.93
C ILE B 240 4.21 -29.78 -0.65
N ASN B 241 4.65 -28.67 -1.26
CA ASN B 241 4.04 -27.38 -1.04
C ASN B 241 3.31 -26.80 -2.25
N ALA B 242 3.51 -27.35 -3.44
CA ALA B 242 2.87 -26.81 -4.63
C ALA B 242 2.70 -27.91 -5.66
N ILE B 243 1.74 -27.70 -6.57
CA ILE B 243 1.46 -28.65 -7.63
C ILE B 243 0.70 -27.93 -8.73
N CYS B 244 0.91 -28.36 -9.97
CA CYS B 244 0.27 -27.72 -11.12
C CYS B 244 0.27 -28.69 -12.29
N PHE B 245 -0.85 -28.75 -13.02
CA PHE B 245 -0.96 -29.63 -14.16
C PHE B 245 -0.18 -29.10 -15.36
N PHE B 246 0.24 -30.03 -16.22
CA PHE B 246 0.76 -29.67 -17.52
C PHE B 246 -0.39 -29.15 -18.39
N PRO B 247 -0.11 -28.22 -19.31
CA PRO B 247 -1.19 -27.74 -20.19
C PRO B 247 -1.84 -28.84 -21.01
N ASN B 248 -1.10 -29.90 -21.36
CA ASN B 248 -1.69 -31.01 -22.09
C ASN B 248 -2.76 -31.72 -21.27
N GLY B 249 -2.49 -31.95 -19.98
CA GLY B 249 -3.43 -32.61 -19.11
C GLY B 249 -3.03 -34.00 -18.67
N ASN B 250 -1.88 -34.51 -19.14
CA ASN B 250 -1.43 -35.86 -18.79
C ASN B 250 -0.14 -35.83 -17.97
N ALA B 251 0.18 -34.69 -17.36
CA ALA B 251 1.38 -34.59 -16.54
C ALA B 251 1.21 -33.42 -15.56
N PHE B 252 2.08 -33.39 -14.56
CA PHE B 252 2.06 -32.31 -13.58
C PHE B 252 3.44 -32.20 -12.93
N ALA B 253 3.64 -31.10 -12.21
CA ALA B 253 4.90 -30.80 -11.56
C ALA B 253 4.65 -30.52 -10.08
N THR B 254 5.54 -31.02 -9.23
CA THR B 254 5.42 -30.88 -7.79
C THR B 254 6.67 -30.23 -7.22
N GLY B 255 6.48 -29.32 -6.28
CA GLY B 255 7.57 -28.68 -5.57
C GLY B 255 7.52 -29.05 -4.10
N SER B 256 8.70 -29.26 -3.52
CA SER B 256 8.81 -29.74 -2.15
C SER B 256 9.79 -28.85 -1.38
N ASP B 257 10.06 -29.26 -0.13
CA ASP B 257 10.89 -28.47 0.77
C ASP B 257 12.37 -28.85 0.73
N ASP B 258 12.76 -29.81 -0.11
CA ASP B 258 14.16 -30.18 -0.26
C ASP B 258 14.78 -29.59 -1.52
N ALA B 259 14.25 -28.46 -2.00
CA ALA B 259 14.80 -27.75 -3.16
C ALA B 259 14.85 -28.63 -4.40
N THR B 260 13.77 -29.39 -4.63
CA THR B 260 13.68 -30.25 -5.80
C THR B 260 12.30 -30.10 -6.43
N CYS B 261 12.27 -30.05 -7.76
CA CYS B 261 11.04 -29.93 -8.52
C CYS B 261 10.87 -31.25 -9.22
N ARG B 262 9.70 -31.86 -9.10
CA ARG B 262 9.53 -33.13 -9.77
C ARG B 262 8.40 -33.15 -10.76
N LEU B 263 8.66 -33.83 -11.87
CA LEU B 263 7.70 -33.94 -12.97
C LEU B 263 7.15 -35.34 -13.13
N PHE B 264 5.88 -35.51 -12.81
CA PHE B 264 5.17 -36.77 -12.91
C PHE B 264 4.24 -36.76 -14.11
N ASP B 265 3.91 -37.96 -14.60
CA ASP B 265 2.98 -38.11 -15.70
C ASP B 265 1.91 -39.14 -15.33
N LEU B 266 0.69 -38.91 -15.82
CA LEU B 266 -0.45 -39.71 -15.37
C LEU B 266 -0.42 -41.12 -15.96
N ALA B 268 2.14 -43.04 -17.61
CA ALA B 268 3.27 -43.93 -17.30
C ALA B 268 3.39 -44.21 -15.80
N ASP B 269 2.86 -43.32 -14.96
CA ASP B 269 2.92 -43.45 -13.49
C ASP B 269 4.35 -43.62 -12.97
N GLN B 270 5.14 -42.58 -13.17
CA GLN B 270 6.53 -42.49 -12.73
C GLN B 270 6.98 -41.03 -12.79
N GLU B 271 8.18 -40.75 -12.28
CA GLU B 271 8.75 -39.42 -12.28
C GLU B 271 9.71 -39.31 -13.48
N LEU B 272 9.45 -38.37 -14.38
CA LEU B 272 10.28 -38.25 -15.58
C LEU B 272 11.55 -37.41 -15.42
N MET B 273 11.46 -36.32 -14.66
CA MET B 273 12.64 -35.46 -14.50
C MET B 273 12.88 -35.02 -13.06
N THR B 274 13.97 -34.29 -12.84
CA THR B 274 14.31 -33.80 -11.52
C THR B 274 15.04 -32.47 -11.66
N TYR B 275 14.48 -31.42 -11.08
CA TYR B 275 15.05 -30.08 -11.16
C TYR B 275 15.65 -29.73 -9.81
N SER B 276 16.98 -29.61 -9.77
CA SER B 276 17.69 -29.32 -8.53
C SER B 276 19.11 -28.87 -8.85
N HIS B 277 19.69 -28.09 -7.94
CA HIS B 277 21.06 -27.58 -8.05
C HIS B 277 21.67 -27.47 -6.65
N ASP B 278 22.98 -27.71 -6.54
CA ASP B 278 23.65 -27.68 -5.24
C ASP B 278 23.67 -26.29 -4.63
N ASN B 279 23.50 -25.25 -5.43
CA ASN B 279 23.47 -23.89 -4.88
C ASN B 279 22.20 -23.64 -4.07
N ILE B 280 21.09 -24.25 -4.46
CA ILE B 280 19.80 -23.98 -3.84
C ILE B 280 19.55 -25.01 -2.73
N ILE B 281 19.19 -24.52 -1.55
CA ILE B 281 18.90 -25.38 -0.41
C ILE B 281 17.51 -25.15 0.16
N CYS B 282 16.97 -23.94 0.04
CA CYS B 282 15.66 -23.65 0.60
C CYS B 282 14.51 -24.37 -0.10
N GLY B 283 13.34 -24.31 0.54
CA GLY B 283 12.16 -24.97 0.00
C GLY B 283 11.52 -24.21 -1.14
N ILE B 284 10.46 -24.81 -1.68
CA ILE B 284 9.75 -24.28 -2.84
C ILE B 284 8.29 -24.06 -2.42
N THR B 285 7.76 -22.88 -2.76
CA THR B 285 6.42 -22.49 -2.35
C THR B 285 5.38 -22.58 -3.46
N SER B 286 5.73 -22.19 -4.68
CA SER B 286 4.76 -22.19 -5.76
C SER B 286 5.42 -22.70 -7.04
N VAL B 287 4.65 -23.40 -7.86
CA VAL B 287 5.11 -23.96 -9.12
C VAL B 287 4.04 -23.73 -10.18
N SER B 288 4.46 -23.26 -11.36
CA SER B 288 3.52 -23.02 -12.44
C SER B 288 4.19 -23.28 -13.77
N PHE B 289 3.38 -23.63 -14.77
CA PHE B 289 3.86 -23.86 -16.13
C PHE B 289 3.58 -22.64 -17.00
N SER B 290 4.02 -22.71 -18.25
CA SER B 290 3.77 -21.68 -19.24
C SER B 290 2.57 -22.06 -20.10
N LYS B 291 2.26 -21.22 -21.09
CA LYS B 291 1.14 -21.50 -21.97
C LYS B 291 1.42 -22.72 -22.84
N SER B 292 2.57 -22.76 -23.50
CA SER B 292 2.94 -23.93 -24.29
C SER B 292 3.43 -25.07 -23.41
N GLY B 293 3.99 -24.77 -22.24
CA GLY B 293 4.52 -25.77 -21.34
C GLY B 293 6.01 -25.95 -21.38
N ARG B 294 6.74 -25.13 -22.16
CA ARG B 294 8.19 -25.30 -22.25
C ARG B 294 8.89 -24.82 -20.98
N LEU B 295 8.42 -23.71 -20.40
CA LEU B 295 9.03 -23.16 -19.20
C LEU B 295 8.36 -23.71 -17.95
N LEU B 296 9.03 -23.51 -16.82
CA LEU B 296 8.51 -23.96 -15.53
C LEU B 296 9.00 -22.98 -14.47
N LEU B 297 8.12 -22.14 -13.95
CA LEU B 297 8.55 -21.19 -12.94
C LEU B 297 8.34 -21.73 -11.54
N ALA B 298 9.23 -21.37 -10.62
CA ALA B 298 9.16 -21.84 -9.25
C ALA B 298 9.44 -20.71 -8.26
N GLY B 299 8.91 -20.84 -7.05
CA GLY B 299 9.12 -19.84 -6.02
C GLY B 299 10.06 -20.38 -4.98
N TYR B 300 10.89 -19.53 -4.40
CA TYR B 300 11.85 -20.01 -3.43
C TYR B 300 11.92 -19.21 -2.13
N ASP B 301 12.36 -19.82 -1.05
CA ASP B 301 12.44 -19.08 0.21
C ASP B 301 13.69 -18.23 0.36
N ASP B 302 14.45 -18.06 -0.71
CA ASP B 302 15.64 -17.22 -0.67
C ASP B 302 15.39 -16.03 -1.59
N PHE B 303 14.11 -15.65 -1.66
CA PHE B 303 13.63 -14.51 -2.45
C PHE B 303 14.06 -14.37 -3.91
N ASN B 304 14.21 -15.48 -4.63
CA ASN B 304 14.65 -15.45 -6.02
C ASN B 304 13.97 -16.55 -6.83
N CYS B 305 12.92 -16.20 -7.56
CA CYS B 305 12.21 -17.19 -8.36
C CYS B 305 13.08 -17.64 -9.53
N ASN B 306 13.08 -18.92 -9.79
CA ASN B 306 13.88 -19.50 -10.88
C ASN B 306 13.03 -20.00 -12.03
N VAL B 307 13.59 -20.00 -13.23
CA VAL B 307 12.90 -20.48 -14.42
C VAL B 307 13.59 -21.75 -14.88
N TRP B 308 12.81 -22.79 -15.14
CA TRP B 308 13.36 -24.08 -15.54
C TRP B 308 12.87 -24.53 -16.90
N ASP B 309 13.64 -25.41 -17.52
CA ASP B 309 13.30 -25.97 -18.81
C ASP B 309 12.56 -27.28 -18.56
N ALA B 310 11.34 -27.40 -19.09
CA ALA B 310 10.52 -28.59 -18.90
C ALA B 310 11.04 -29.80 -19.65
N LEU B 311 11.98 -29.63 -20.57
CA LEU B 311 12.51 -30.74 -21.35
C LEU B 311 13.97 -31.04 -21.07
N LYS B 312 14.83 -30.01 -20.97
CA LYS B 312 16.24 -30.23 -20.73
C LYS B 312 16.61 -30.18 -19.25
N ALA B 313 15.73 -29.66 -18.40
CA ALA B 313 15.96 -29.57 -16.96
C ALA B 313 17.24 -28.80 -16.65
N ASP B 314 17.26 -27.53 -17.06
CA ASP B 314 18.40 -26.65 -16.85
C ASP B 314 17.90 -25.24 -16.54
N ARG B 315 18.69 -24.50 -15.77
CA ARG B 315 18.34 -23.14 -15.44
C ARG B 315 18.41 -22.26 -16.69
N ALA B 316 17.40 -21.40 -16.87
CA ALA B 316 17.32 -20.55 -18.05
C ALA B 316 16.84 -19.15 -17.70
N GLY B 317 17.15 -18.67 -16.50
CA GLY B 317 16.75 -17.33 -16.11
C GLY B 317 16.31 -17.22 -14.67
N VAL B 318 16.60 -16.08 -14.03
CA VAL B 318 16.28 -15.84 -12.64
C VAL B 318 15.44 -14.57 -12.57
N LEU B 319 14.27 -14.67 -11.91
CA LEU B 319 13.37 -13.54 -11.75
C LEU B 319 13.61 -12.84 -10.40
N ALA B 320 14.84 -12.39 -10.21
CA ALA B 320 15.20 -11.71 -8.98
C ALA B 320 14.58 -10.31 -8.93
N GLY B 321 14.41 -9.80 -7.71
CA GLY B 321 13.86 -8.47 -7.53
C GLY B 321 12.95 -8.31 -6.34
N HIS B 322 12.61 -9.41 -5.67
CA HIS B 322 11.71 -9.38 -4.53
C HIS B 322 12.49 -9.23 -3.23
N ASP B 323 11.96 -8.40 -2.33
CA ASP B 323 12.63 -8.07 -1.08
C ASP B 323 12.44 -9.13 0.00
N ASN B 324 11.51 -10.06 -0.17
CA ASN B 324 11.28 -11.13 0.79
C ASN B 324 11.02 -12.42 0.02
N ARG B 325 10.65 -13.47 0.74
CA ARG B 325 10.44 -14.77 0.12
C ARG B 325 9.21 -14.75 -0.78
N VAL B 326 9.29 -15.50 -1.88
CA VAL B 326 8.19 -15.58 -2.83
C VAL B 326 7.18 -16.60 -2.34
N SER B 327 5.91 -16.21 -2.28
CA SER B 327 4.86 -17.06 -1.75
C SER B 327 3.77 -17.44 -2.74
N CYS B 328 3.65 -16.73 -3.86
CA CYS B 328 2.62 -17.03 -4.84
C CYS B 328 3.09 -16.64 -6.23
N LEU B 329 2.78 -17.48 -7.21
CA LEU B 329 3.17 -17.26 -8.60
C LEU B 329 2.01 -17.66 -9.50
N GLY B 330 1.76 -16.86 -10.53
CA GLY B 330 0.65 -17.11 -11.43
C GLY B 330 0.91 -16.73 -12.88
N VAL B 331 0.62 -17.65 -13.79
CA VAL B 331 0.77 -17.41 -15.22
C VAL B 331 -0.61 -17.17 -15.82
N THR B 332 -0.74 -16.10 -16.59
CA THR B 332 -2.02 -15.72 -17.16
C THR B 332 -2.46 -16.71 -18.23
N ASP B 333 -3.75 -16.63 -18.59
CA ASP B 333 -4.34 -17.61 -19.50
C ASP B 333 -3.71 -17.55 -20.89
N ASP B 334 -3.48 -16.35 -21.42
CA ASP B 334 -2.86 -16.20 -22.72
C ASP B 334 -1.34 -16.23 -22.66
N GLY B 335 -0.75 -16.36 -21.47
CA GLY B 335 0.68 -16.49 -21.34
C GLY B 335 1.47 -15.26 -21.67
N MET B 336 0.86 -14.07 -21.58
CA MET B 336 1.55 -12.83 -21.90
C MET B 336 2.23 -12.19 -20.70
N ALA B 337 2.01 -12.70 -19.49
CA ALA B 337 2.60 -12.11 -18.30
C ALA B 337 2.68 -13.15 -17.19
N VAL B 338 3.53 -12.87 -16.21
CA VAL B 338 3.68 -13.70 -15.02
C VAL B 338 3.64 -12.80 -13.80
N ALA B 339 2.80 -13.12 -12.83
CA ALA B 339 2.65 -12.33 -11.62
C ALA B 339 3.24 -13.08 -10.43
N THR B 340 3.92 -12.34 -9.56
CA THR B 340 4.59 -12.94 -8.41
C THR B 340 4.36 -12.08 -7.18
N GLY B 341 4.06 -12.72 -6.06
CA GLY B 341 3.91 -12.03 -4.80
C GLY B 341 4.90 -12.49 -3.76
N SER B 342 5.13 -11.68 -2.73
CA SER B 342 6.12 -12.01 -1.71
C SER B 342 5.64 -11.47 -0.37
N TRP B 343 6.50 -11.60 0.64
CA TRP B 343 6.15 -11.19 2.00
C TRP B 343 6.45 -9.73 2.29
N ASP B 344 6.90 -8.97 1.30
CA ASP B 344 7.08 -7.54 1.45
C ASP B 344 5.86 -6.74 1.04
N SER B 345 4.75 -7.42 0.74
CA SER B 345 3.47 -6.80 0.41
C SER B 345 3.49 -6.10 -0.96
N PHE B 346 4.36 -6.56 -1.87
CA PHE B 346 4.46 -6.00 -3.21
C PHE B 346 4.27 -7.09 -4.24
N LEU B 347 3.40 -6.83 -5.21
CA LEU B 347 3.17 -7.73 -6.33
C LEU B 347 3.92 -7.21 -7.55
N LYS B 348 4.51 -8.12 -8.32
CA LYS B 348 5.30 -7.75 -9.49
C LYS B 348 4.83 -8.53 -10.71
N ILE B 349 4.82 -7.84 -11.85
CA ILE B 349 4.40 -8.42 -13.13
C ILE B 349 5.60 -8.42 -14.07
N TRP B 350 5.78 -9.52 -14.77
CA TRP B 350 6.94 -9.74 -15.63
C TRP B 350 6.49 -10.22 -17.00
N ASN B 351 7.29 -9.88 -18.01
CA ASN B 351 7.00 -10.28 -19.38
C ASN B 351 8.26 -10.16 -20.22
N ILE C 24 1.45 -47.14 -20.18
CA ILE C 24 2.15 -47.08 -21.45
C ILE C 24 3.65 -46.96 -21.19
N LYS C 25 4.44 -46.85 -22.25
CA LYS C 25 5.88 -46.76 -22.12
C LYS C 25 6.31 -45.36 -21.72
N VAL C 26 7.36 -45.30 -20.89
CA VAL C 26 7.93 -44.02 -20.49
C VAL C 26 8.47 -43.28 -21.71
N SER C 27 9.06 -44.02 -22.64
CA SER C 27 9.54 -43.40 -23.89
C SER C 27 8.38 -42.80 -24.68
N LYS C 28 7.24 -43.52 -24.75
CA LYS C 28 6.08 -42.99 -25.44
C LYS C 28 5.56 -41.73 -24.77
N ALA C 29 5.50 -41.73 -23.44
CA ALA C 29 5.04 -40.55 -22.72
C ALA C 29 5.97 -39.36 -22.95
N ALA C 30 7.29 -39.60 -22.93
CA ALA C 30 8.25 -38.54 -23.18
C ALA C 30 8.12 -38.00 -24.60
N ALA C 31 7.93 -38.89 -25.57
CA ALA C 31 7.77 -38.45 -26.95
C ALA C 31 6.50 -37.62 -27.12
N ASP C 32 5.41 -38.04 -26.48
CA ASP C 32 4.18 -37.26 -26.53
C ASP C 32 4.35 -35.89 -25.90
N LEU C 33 5.03 -35.83 -24.75
CA LEU C 33 5.27 -34.55 -24.09
C LEU C 33 6.09 -33.63 -24.97
N MET C 34 7.16 -34.17 -25.58
CA MET C 34 8.00 -33.36 -26.46
C MET C 34 7.23 -32.89 -27.69
N ALA C 35 6.39 -33.75 -28.27
CA ALA C 35 5.62 -33.37 -29.44
C ALA C 35 4.63 -32.26 -29.11
N TYR C 36 3.94 -32.37 -27.97
CA TYR C 36 3.01 -31.32 -27.57
C TYR C 36 3.74 -30.02 -27.26
N CYS C 37 4.91 -30.11 -26.61
CA CYS C 37 5.67 -28.90 -26.31
C CYS C 37 6.13 -28.20 -27.58
N GLU C 38 6.58 -28.97 -28.57
CA GLU C 38 7.07 -28.37 -29.81
C GLU C 38 5.94 -27.82 -30.66
N ALA C 39 4.81 -28.53 -30.71
CA ALA C 39 3.73 -28.13 -31.62
C ALA C 39 3.15 -26.77 -31.25
N HIS C 40 2.98 -26.51 -29.95
CA HIS C 40 2.36 -25.28 -29.48
C HIS C 40 3.38 -24.22 -29.08
N ALA C 41 4.65 -24.42 -29.43
CA ALA C 41 5.70 -23.48 -29.04
C ALA C 41 5.74 -22.23 -29.91
N LYS C 42 4.94 -22.17 -30.98
CA LYS C 42 4.95 -21.01 -31.86
C LYS C 42 4.05 -19.87 -31.37
N GLU C 43 3.34 -20.10 -30.29
CA GLU C 43 2.44 -19.07 -29.74
C GLU C 43 2.67 -18.93 -28.23
N ASP C 44 3.94 -18.81 -27.85
CA ASP C 44 4.34 -18.68 -26.46
C ASP C 44 5.01 -17.33 -26.25
N PRO C 45 4.30 -16.34 -25.70
CA PRO C 45 4.93 -15.03 -25.46
C PRO C 45 6.12 -15.10 -24.50
N LEU C 46 6.11 -16.02 -23.54
CA LEU C 46 7.24 -16.15 -22.64
C LEU C 46 8.49 -16.63 -23.37
N LEU C 47 8.34 -17.50 -24.37
CA LEU C 47 9.49 -17.98 -25.14
C LEU C 47 10.01 -16.90 -26.08
N THR C 48 9.16 -16.48 -27.03
CA THR C 48 9.55 -15.46 -27.99
C THR C 48 8.97 -14.13 -27.55
N PRO C 49 9.79 -13.14 -27.21
CA PRO C 49 9.24 -11.84 -26.78
C PRO C 49 8.40 -11.20 -27.86
N VAL C 50 7.15 -10.94 -27.53
CA VAL C 50 6.22 -10.28 -28.46
C VAL C 50 6.71 -8.86 -28.71
N PRO C 51 6.63 -8.36 -29.94
CA PRO C 51 7.06 -6.97 -30.20
C PRO C 51 6.31 -5.97 -29.34
N ALA C 52 7.04 -4.93 -28.90
CA ALA C 52 6.47 -3.96 -27.97
C ALA C 52 5.33 -3.16 -28.57
N GLU C 54 2.70 -4.25 -29.82
CA GLU C 54 1.45 -4.91 -29.48
C GLU C 54 1.52 -5.57 -28.11
N ASN C 55 2.44 -5.08 -27.28
CA ASN C 55 2.66 -5.62 -25.93
C ASN C 55 1.85 -4.83 -24.90
N PRO C 56 0.85 -5.48 -24.30
CA PRO C 56 -0.07 -4.89 -23.30
C PRO C 56 0.63 -4.17 -22.15
N PHE C 57 1.75 -4.70 -21.68
CA PHE C 57 2.50 -4.08 -20.59
C PHE C 57 3.71 -3.33 -21.13
N ARG C 58 3.56 -2.70 -22.29
CA ARG C 58 4.66 -1.96 -22.90
C ARG C 58 5.25 -0.88 -21.99
N GLU C 59 6.56 -0.72 -22.09
CA GLU C 59 7.31 0.26 -21.29
C GLU C 59 6.96 0.15 -19.81
N CYS D 22 35.37 52.49 0.96
CA CYS D 22 35.99 53.44 1.86
C CYS D 22 37.48 53.16 2.02
N ILE D 23 38.02 52.36 1.10
CA ILE D 23 39.43 51.99 1.07
C ILE D 23 39.92 51.36 2.37
N LYS D 24 39.09 50.50 2.97
CA LYS D 24 39.41 49.85 4.23
C LYS D 24 40.63 48.95 4.07
N SER D 25 41.46 48.89 5.11
CA SER D 25 42.67 48.07 5.09
C SER D 25 42.42 46.63 4.65
N SER D 26 43.08 46.25 3.56
CA SER D 26 42.97 44.92 2.97
C SER D 26 43.14 43.83 4.02
N TYR D 27 44.10 44.04 4.93
CA TYR D 27 44.40 43.11 6.02
C TYR D 27 44.70 41.69 5.51
N ALA D 28 45.46 41.60 4.44
CA ALA D 28 45.82 40.30 3.85
C ALA D 28 46.73 39.49 4.76
N PRO D 29 46.48 38.18 4.85
CA PRO D 29 47.26 37.24 5.66
C PRO D 29 48.54 36.79 4.99
N TRP D 30 49.26 35.87 5.64
CA TRP D 30 50.50 35.33 5.14
C TRP D 30 50.22 34.39 3.98
N PRO D 31 51.22 34.03 3.17
CA PRO D 31 50.96 33.12 2.04
C PRO D 31 50.48 31.74 2.44
N ARG D 32 50.28 31.50 3.74
CA ARG D 32 49.72 30.24 4.20
C ARG D 32 48.21 30.39 4.10
N ALA D 33 47.70 30.25 2.88
CA ALA D 33 46.29 30.41 2.54
C ALA D 33 45.56 29.08 2.50
N ILE D 34 45.94 28.17 3.38
CA ILE D 34 45.31 26.86 3.52
C ILE D 34 43.84 27.05 3.91
N LEU D 35 43.51 28.25 4.42
CA LEU D 35 42.14 28.53 4.85
C LEU D 35 41.13 28.25 3.75
N TYR D 36 41.46 28.60 2.50
CA TYR D 36 40.56 28.27 1.38
C TYR D 36 40.29 26.78 1.30
N GLY D 37 41.28 25.95 1.59
CA GLY D 37 41.11 24.51 1.52
C GLY D 37 40.59 23.91 2.80
N VAL D 38 40.16 24.78 3.72
CA VAL D 38 39.59 24.34 5.00
C VAL D 38 38.20 24.92 5.12
N LEU D 39 37.97 26.04 4.43
CA LEU D 39 36.67 26.70 4.45
C LEU D 39 35.77 26.28 3.30
N GLY D 40 36.32 26.07 2.11
CA GLY D 40 35.51 25.73 0.96
C GLY D 40 35.03 24.30 0.99
N LEU D 41 35.83 23.42 1.59
CA LEU D 41 35.43 22.03 1.74
C LEU D 41 34.16 21.90 2.55
N GLY D 42 34.01 22.75 3.58
CA GLY D 42 32.77 22.77 4.34
C GLY D 42 31.57 23.12 3.50
N ALA D 43 31.72 24.11 2.61
CA ALA D 43 30.62 24.47 1.70
C ALA D 43 30.31 23.33 0.75
N LEU D 44 31.35 22.69 0.20
CA LEU D 44 31.12 21.56 -0.71
C LEU D 44 30.38 20.43 -0.01
N LEU D 45 30.77 20.13 1.23
CA LEU D 45 30.07 19.09 1.98
C LEU D 45 28.63 19.50 2.26
N ALA D 46 28.42 20.69 2.82
CA ALA D 46 27.09 21.15 3.18
C ALA D 46 26.17 21.32 1.97
N VAL D 47 26.71 21.39 0.77
CA VAL D 47 25.88 21.40 -0.43
C VAL D 47 25.62 19.98 -0.93
N PHE D 48 26.69 19.24 -1.25
CA PHE D 48 26.52 17.95 -1.92
C PHE D 48 25.93 16.89 -0.98
N GLY D 49 26.50 16.73 0.21
CA GLY D 49 26.00 15.72 1.12
C GLY D 49 24.64 16.03 1.69
N ASN D 50 24.17 17.27 1.55
CA ASN D 50 22.83 17.64 1.97
C ASN D 50 21.81 17.47 0.84
N LEU D 51 22.18 17.85 -0.38
CA LEU D 51 21.34 17.56 -1.52
C LEU D 51 21.20 16.06 -1.77
N LEU D 52 22.20 15.26 -1.38
CA LEU D 52 22.07 13.81 -1.45
C LEU D 52 21.17 13.25 -0.36
N VAL D 53 20.95 13.99 0.72
CA VAL D 53 20.02 13.56 1.76
C VAL D 53 18.59 13.97 1.45
N ILE D 54 18.38 15.16 0.88
CA ILE D 54 17.03 15.57 0.50
C ILE D 54 16.43 14.72 -0.61
N ILE D 55 17.24 13.93 -1.31
CA ILE D 55 16.76 13.09 -2.40
C ILE D 55 16.36 11.72 -1.86
N ALA D 56 17.12 11.22 -0.89
CA ALA D 56 16.84 9.91 -0.31
C ALA D 56 15.54 9.86 0.47
N ILE D 57 15.04 11.01 0.95
CA ILE D 57 13.77 11.06 1.67
C ILE D 57 12.58 11.24 0.74
N LEU D 58 12.82 11.66 -0.50
CA LEU D 58 11.75 11.89 -1.46
C LEU D 58 11.58 10.73 -2.43
N HIS D 59 12.69 10.20 -2.96
CA HIS D 59 12.61 9.12 -3.93
C HIS D 59 12.04 7.85 -3.29
N PHE D 60 12.72 7.33 -2.29
CA PHE D 60 12.30 6.08 -1.65
C PHE D 60 10.99 6.28 -0.90
N LYS D 61 10.10 5.29 -1.01
CA LYS D 61 8.80 5.32 -0.35
C LYS D 61 8.83 4.65 1.02
N GLN D 62 10.00 4.20 1.47
CA GLN D 62 10.14 3.60 2.79
C GLN D 62 10.55 4.61 3.85
N LEU D 63 11.17 5.72 3.45
CA LEU D 63 11.64 6.75 4.38
C LEU D 63 10.64 7.90 4.51
N HIS D 64 9.35 7.62 4.36
CA HIS D 64 8.30 8.64 4.47
C HIS D 64 7.69 8.67 5.87
N THR D 65 8.48 8.32 6.88
CA THR D 65 8.02 8.30 8.26
C THR D 65 7.86 9.72 8.78
N PRO D 66 6.98 9.92 9.76
CA PRO D 66 6.79 11.28 10.30
C PRO D 66 8.02 11.84 10.98
N THR D 67 8.97 11.01 11.40
CA THR D 67 10.19 11.49 12.02
C THR D 67 11.29 11.83 11.03
N ASN D 68 11.12 11.46 9.76
CA ASN D 68 12.09 11.81 8.72
C ASN D 68 11.79 13.14 8.04
N PHE D 69 10.56 13.62 8.13
CA PHE D 69 10.21 14.93 7.58
C PHE D 69 10.96 16.06 8.28
N LEU D 70 11.20 15.89 9.58
CA LEU D 70 11.95 16.87 10.35
C LEU D 70 13.37 16.91 9.82
N VAL D 71 13.98 15.73 9.63
CA VAL D 71 15.33 15.64 9.10
C VAL D 71 15.41 16.26 7.71
N ALA D 72 14.41 16.01 6.87
CA ALA D 72 14.41 16.60 5.53
C ALA D 72 14.32 18.12 5.60
N SER D 73 13.48 18.65 6.49
CA SER D 73 13.36 20.10 6.64
C SER D 73 14.67 20.70 7.13
N LEU D 74 15.32 20.06 8.10
CA LEU D 74 16.62 20.53 8.56
C LEU D 74 17.64 20.50 7.43
N ALA D 75 17.61 19.43 6.63
CA ALA D 75 18.53 19.32 5.50
C ALA D 75 18.33 20.46 4.51
N CYS D 76 17.07 20.79 4.22
CA CYS D 76 16.79 21.89 3.30
C CYS D 76 17.25 23.22 3.87
N ALA D 77 16.97 23.46 5.17
CA ALA D 77 17.39 24.71 5.80
C ALA D 77 18.91 24.84 5.83
N ASP D 78 19.63 23.73 5.96
CA ASP D 78 21.08 23.75 5.96
C ASP D 78 21.65 23.91 4.55
N PHE D 79 21.02 23.28 3.55
CA PHE D 79 21.44 23.46 2.17
C PHE D 79 21.22 24.91 1.72
N LEU D 80 20.21 25.58 2.25
CA LEU D 80 20.03 27.00 1.95
C LEU D 80 21.25 27.81 2.39
N VAL D 81 21.74 27.55 3.61
CA VAL D 81 22.97 28.21 4.07
C VAL D 81 24.10 27.87 3.13
N GLY D 82 24.30 26.57 2.86
CA GLY D 82 25.44 26.15 2.06
C GLY D 82 25.44 26.71 0.66
N VAL D 83 24.26 27.02 0.11
CA VAL D 83 24.18 27.52 -1.25
C VAL D 83 24.09 29.04 -1.34
N THR D 84 23.70 29.73 -0.27
CA THR D 84 23.61 31.18 -0.32
C THR D 84 24.73 31.89 0.44
N VAL D 85 24.91 31.55 1.72
CA VAL D 85 25.72 32.39 2.60
C VAL D 85 27.18 31.95 2.59
N MET D 86 27.38 30.63 2.63
CA MET D 86 28.70 30.02 2.71
C MET D 86 29.86 30.60 1.90
N PRO D 87 29.72 30.65 0.57
CA PRO D 87 30.84 31.12 -0.26
C PRO D 87 31.17 32.59 -0.06
N PHE D 88 30.13 33.44 0.01
CA PHE D 88 30.36 34.85 0.27
C PHE D 88 30.99 35.06 1.63
N SER D 89 30.55 34.30 2.64
CA SER D 89 31.18 34.37 3.95
C SER D 89 32.64 33.95 3.89
N THR D 90 32.95 32.91 3.11
CA THR D 90 34.34 32.48 2.95
C THR D 90 35.19 33.61 2.36
N VAL D 91 34.70 34.24 1.30
CA VAL D 91 35.45 35.31 0.65
C VAL D 91 35.64 36.48 1.61
N ARG D 92 34.57 36.86 2.32
CA ARG D 92 34.64 37.98 3.25
C ARG D 92 35.62 37.69 4.39
N SER D 93 35.61 36.46 4.91
CA SER D 93 36.49 36.12 6.02
C SER D 93 37.95 36.08 5.59
N VAL D 94 38.32 35.49 4.47
CA VAL D 94 39.74 35.46 4.12
C VAL D 94 40.25 36.76 3.58
N GLU D 95 39.45 37.45 2.79
CA GLU D 95 39.91 38.73 2.25
C GLU D 95 39.64 39.98 3.05
N SER D 96 38.76 39.86 4.04
CA SER D 96 38.36 40.94 4.95
C SER D 96 37.75 42.14 4.25
N CYS D 97 37.70 42.08 2.93
CA CYS D 97 37.10 43.14 2.13
C CYS D 97 35.93 42.53 1.38
N TRP D 98 34.75 43.09 1.62
CA TRP D 98 33.51 42.58 1.02
C TRP D 98 33.26 43.09 -0.40
N TYR D 99 33.81 42.43 -1.41
CA TYR D 99 33.55 42.87 -2.80
C TYR D 99 32.31 42.26 -3.47
N PHE D 100 31.11 42.61 -3.03
CA PHE D 100 29.88 42.10 -3.63
C PHE D 100 28.78 43.14 -3.69
N GLY D 101 29.06 44.38 -3.34
CA GLY D 101 28.05 45.42 -3.36
C GLY D 101 27.45 45.65 -1.98
N GLU D 102 27.04 46.89 -1.72
CA GLU D 102 26.45 47.25 -0.44
C GLU D 102 24.97 46.91 -0.35
N SER D 103 24.37 46.47 -1.44
CA SER D 103 22.96 46.09 -1.45
C SER D 103 22.68 44.78 -0.74
N TYR D 104 23.54 43.79 -1.00
CA TYR D 104 23.42 42.45 -0.42
C TYR D 104 23.56 42.40 1.11
N CYS D 105 24.48 43.19 1.66
CA CYS D 105 24.72 43.25 3.10
C CYS D 105 23.45 43.29 3.96
N LYS D 106 22.37 43.85 3.43
CA LYS D 106 21.11 43.85 4.16
C LYS D 106 20.38 42.50 4.07
N PHE D 107 20.62 41.73 3.02
CA PHE D 107 19.98 40.43 2.85
C PHE D 107 20.84 39.29 3.38
N HIS D 108 22.16 39.37 3.16
CA HIS D 108 23.04 38.31 3.61
C HIS D 108 23.02 38.16 5.13
N THR D 109 23.00 39.28 5.85
CA THR D 109 22.92 39.23 7.30
C THR D 109 21.56 38.77 7.81
N CYS D 110 20.54 38.70 6.94
CA CYS D 110 19.22 38.24 7.32
C CYS D 110 18.96 36.80 6.90
N PHE D 111 19.89 36.16 6.19
CA PHE D 111 19.69 34.77 5.77
C PHE D 111 20.18 33.81 6.85
N ASP D 112 21.45 33.95 7.24
CA ASP D 112 22.05 33.08 8.24
C ASP D 112 21.44 33.26 9.63
N THR D 113 21.01 34.47 9.95
CA THR D 113 20.38 34.76 11.24
C THR D 113 19.08 33.97 11.41
N SER D 114 18.36 33.72 10.31
CA SER D 114 17.16 32.91 10.37
C SER D 114 17.47 31.42 10.22
N PHE D 115 18.34 31.07 9.28
CA PHE D 115 18.55 29.66 8.97
C PHE D 115 19.21 28.91 10.13
N CYS D 116 20.20 29.52 10.78
CA CYS D 116 20.87 28.85 11.89
C CYS D 116 19.92 28.61 13.05
N PHE D 117 19.09 29.60 13.38
CA PHE D 117 18.13 29.42 14.46
C PHE D 117 17.05 28.41 14.10
N ALA D 118 16.65 28.37 12.82
CA ALA D 118 15.73 27.33 12.38
C ALA D 118 16.34 25.95 12.55
N SER D 119 17.62 25.82 12.22
CA SER D 119 18.31 24.55 12.43
C SER D 119 18.37 24.17 13.90
N LEU D 120 18.62 25.16 14.76
CA LEU D 120 18.66 24.89 16.20
C LEU D 120 17.30 24.40 16.71
N PHE D 121 16.22 25.05 16.30
CA PHE D 121 14.90 24.61 16.73
C PHE D 121 14.54 23.26 16.14
N HIS D 122 15.00 22.97 14.92
CA HIS D 122 14.80 21.65 14.34
C HIS D 122 15.52 20.59 15.17
N LEU D 123 16.73 20.89 15.63
CA LEU D 123 17.43 19.98 16.52
C LEU D 123 16.66 19.79 17.83
N CYS D 124 16.05 20.86 18.33
CA CYS D 124 15.25 20.75 19.55
C CYS D 124 14.08 19.79 19.36
N CYS D 125 13.32 19.95 18.27
CA CYS D 125 12.23 19.02 18.02
C CYS D 125 12.72 17.61 17.74
N ILE D 126 13.89 17.46 17.10
CA ILE D 126 14.43 16.11 16.90
C ILE D 126 14.72 15.44 18.24
N SER D 127 15.32 16.19 19.16
CA SER D 127 15.58 15.64 20.49
C SER D 127 14.28 15.29 21.22
N ILE D 128 13.27 16.15 21.07
CA ILE D 128 11.98 15.89 21.70
C ILE D 128 11.35 14.62 21.15
N ASP D 129 11.46 14.44 19.84
CA ASP D 129 10.91 13.27 19.17
C ASP D 129 11.63 12.01 19.66
N ARG D 130 12.96 12.08 19.72
CA ARG D 130 13.72 10.93 20.18
C ARG D 130 13.38 10.56 21.62
N TYR D 131 13.24 11.56 22.48
CA TYR D 131 12.86 11.30 23.88
C TYR D 131 11.48 10.66 23.96
N ILE D 132 10.53 11.16 23.17
CA ILE D 132 9.18 10.58 23.17
C ILE D 132 9.23 9.14 22.70
N ALA D 133 10.00 8.87 21.65
CA ALA D 133 10.08 7.51 21.12
C ALA D 133 10.70 6.55 22.12
N VAL D 134 11.75 6.98 22.82
CA VAL D 134 12.46 6.08 23.71
C VAL D 134 11.71 5.89 25.02
N THR D 135 11.30 6.99 25.66
CA THR D 135 10.67 6.89 26.98
C THR D 135 9.29 6.22 26.88
N ASP D 136 8.52 6.57 25.86
CA ASP D 136 7.14 6.09 25.68
C ASP D 136 7.08 5.32 24.36
N PRO D 137 7.38 4.02 24.38
CA PRO D 137 7.47 3.27 23.12
C PRO D 137 6.14 2.73 22.63
N LEU D 138 5.20 2.51 23.55
CA LEU D 138 3.94 1.86 23.18
C LEU D 138 3.05 2.81 22.37
N THR D 139 2.63 3.91 22.98
CA THR D 139 1.77 4.87 22.30
C THR D 139 2.57 5.97 21.61
N TYR D 140 3.56 5.56 20.83
CA TYR D 140 4.38 6.47 20.04
C TYR D 140 3.71 6.89 18.74
N PRO D 141 3.18 5.97 17.92
CA PRO D 141 2.62 6.40 16.62
C PRO D 141 1.47 7.39 16.75
N THR D 142 0.63 7.24 17.78
CA THR D 142 -0.51 8.15 17.91
C THR D 142 -0.11 9.52 18.44
N LYS D 143 0.91 9.58 19.30
CA LYS D 143 1.31 10.85 19.90
C LYS D 143 2.21 11.68 18.99
N PHE D 144 2.75 11.09 17.91
CA PHE D 144 3.67 11.81 17.02
C PHE D 144 3.36 11.41 15.59
N THR D 145 2.55 12.21 14.90
CA THR D 145 2.17 12.00 13.52
C THR D 145 2.80 13.05 12.62
N VAL D 146 2.42 13.03 11.35
CA VAL D 146 2.95 14.00 10.39
C VAL D 146 2.57 15.42 10.79
N SER D 147 1.40 15.58 11.41
CA SER D 147 0.93 16.91 11.78
C SER D 147 1.86 17.57 12.78
N VAL D 148 2.24 16.82 13.81
CA VAL D 148 3.12 17.33 14.83
C VAL D 148 4.45 17.60 14.17
N SER D 149 4.81 16.75 13.21
CA SER D 149 6.03 16.97 12.45
C SER D 149 5.85 18.27 11.66
N GLY D 150 4.69 18.46 11.04
CA GLY D 150 4.41 19.66 10.29
C GLY D 150 4.36 20.89 11.19
N LEU D 151 3.76 20.72 12.36
CA LEU D 151 3.64 21.80 13.35
C LEU D 151 5.00 22.24 13.85
N CYS D 152 5.90 21.28 14.04
CA CYS D 152 7.24 21.61 14.50
C CYS D 152 7.94 22.46 13.44
N ILE D 153 7.79 22.08 12.18
CA ILE D 153 8.39 22.83 11.06
C ILE D 153 7.81 24.24 10.85
N ALA D 154 6.50 24.39 11.02
CA ALA D 154 5.85 25.68 10.82
C ALA D 154 6.08 26.69 11.94
N LEU D 155 6.58 26.22 13.08
CA LEU D 155 6.89 27.06 14.22
C LEU D 155 8.34 27.51 14.20
N SER D 156 9.27 26.60 13.93
CA SER D 156 10.68 26.97 13.90
C SER D 156 10.95 27.97 12.79
N TRP D 157 10.43 27.71 11.58
CA TRP D 157 10.68 28.62 10.47
C TRP D 157 10.09 29.99 10.75
N PHE D 158 8.87 30.03 11.25
CA PHE D 158 8.22 31.27 11.59
C PHE D 158 9.09 31.99 12.60
N PHE D 159 9.61 31.23 13.56
CA PHE D 159 10.47 31.77 14.61
C PHE D 159 11.80 32.33 14.12
N SER D 160 12.40 31.67 13.13
CA SER D 160 13.66 32.14 12.59
C SER D 160 13.44 33.29 11.61
N VAL D 161 12.21 33.47 11.16
CA VAL D 161 11.93 34.57 10.22
C VAL D 161 11.46 35.83 10.93
N THR D 162 10.61 35.71 11.96
CA THR D 162 10.11 36.89 12.65
C THR D 162 11.11 37.44 13.66
N TYR D 163 12.19 36.73 13.96
CA TYR D 163 13.28 37.31 14.73
C TYR D 163 14.33 37.97 13.85
N SER D 164 14.82 37.25 12.83
CA SER D 164 15.90 37.81 12.01
C SER D 164 15.46 39.06 11.26
N PHE D 165 14.24 39.04 10.70
CA PHE D 165 13.77 40.20 9.96
C PHE D 165 13.44 41.36 10.88
N SER D 166 12.83 41.09 12.03
CA SER D 166 12.39 42.14 12.92
C SER D 166 13.49 42.66 13.85
N ILE D 167 14.69 42.06 13.82
CA ILE D 167 15.76 42.53 14.69
C ILE D 167 16.93 43.04 13.84
N PHE D 168 17.09 42.49 12.64
CA PHE D 168 18.24 42.81 11.81
C PHE D 168 17.91 43.62 10.57
N TYR D 169 16.78 43.36 9.91
CA TYR D 169 16.43 44.08 8.69
C TYR D 169 15.99 45.51 8.96
N THR D 170 15.25 45.71 10.05
CA THR D 170 14.79 47.04 10.41
C THR D 170 15.91 47.88 11.00
N GLY D 171 17.10 47.28 11.10
CA GLY D 171 18.26 47.97 11.64
C GLY D 171 18.05 48.50 13.05
N ALA D 172 17.38 47.71 13.89
CA ALA D 172 17.11 48.12 15.27
C ALA D 172 18.14 47.53 16.24
N ASN D 173 19.28 47.08 15.71
CA ASN D 173 20.34 46.51 16.52
C ASN D 173 21.57 47.41 16.55
N GLU D 174 21.43 48.65 16.12
CA GLU D 174 22.55 49.57 16.02
C GLU D 174 22.14 50.92 16.57
N GLU D 175 21.33 50.91 17.64
CA GLU D 175 20.80 52.12 18.24
C GLU D 175 21.72 52.64 19.34
N GLY D 176 22.85 53.19 18.92
CA GLY D 176 23.78 53.78 19.86
C GLY D 176 25.23 53.40 19.64
N ILE D 177 25.47 52.17 19.20
CA ILE D 177 26.85 51.71 19.01
C ILE D 177 27.25 51.82 17.54
N GLU D 178 28.20 52.69 17.26
CA GLU D 178 28.83 52.84 15.96
C GLU D 178 30.32 53.16 16.11
N GLU D 179 30.91 52.56 17.14
CA GLU D 179 32.32 52.79 17.45
C GLU D 179 33.23 51.67 16.97
N LEU D 180 32.66 50.73 16.22
CA LEU D 180 33.42 49.60 15.70
C LEU D 180 33.93 49.90 14.30
N VAL D 181 34.94 50.76 14.21
CA VAL D 181 35.51 51.14 12.92
C VAL D 181 36.11 49.94 12.21
N ALA D 183 33.63 47.84 11.26
CA ALA D 183 33.65 48.80 10.16
C ALA D 183 32.24 49.03 9.61
N LEU D 184 31.28 49.20 10.51
CA LEU D 184 29.90 49.46 10.13
C LEU D 184 29.80 50.82 9.45
N THR D 185 30.51 51.81 9.96
CA THR D 185 30.49 53.15 9.37
C THR D 185 31.43 53.29 8.19
N CYS D 186 31.50 52.27 7.33
CA CYS D 186 32.39 52.34 6.19
C CYS D 186 31.65 51.90 4.93
N VAL D 187 32.42 51.65 3.88
CA VAL D 187 31.87 51.18 2.61
C VAL D 187 32.47 49.80 2.34
N GLY D 188 31.63 48.83 2.01
CA GLY D 188 32.12 47.50 1.76
C GLY D 188 32.33 46.70 3.04
N GLY D 189 31.79 47.19 4.14
CA GLY D 189 31.90 46.50 5.41
C GLY D 189 30.53 46.07 5.91
N CYS D 190 30.41 44.81 6.32
CA CYS D 190 29.16 44.26 6.82
C CYS D 190 29.45 43.47 8.10
N GLN D 191 28.61 43.62 9.11
CA GLN D 191 28.77 42.99 10.41
C GLN D 191 27.43 42.99 11.14
N ALA D 192 27.43 42.33 12.30
CA ALA D 192 26.22 42.21 13.14
C ALA D 192 26.57 42.57 14.58
N PRO D 193 26.83 43.85 14.86
CA PRO D 193 27.17 44.26 16.22
C PRO D 193 25.95 44.46 17.10
N LEU D 194 25.49 43.38 17.73
CA LEU D 194 24.34 43.46 18.62
C LEU D 194 24.64 44.45 19.75
N ASN D 195 23.64 45.25 20.12
CA ASN D 195 23.82 46.25 21.16
C ASN D 195 23.51 45.64 22.52
N GLN D 196 23.40 46.50 23.55
CA GLN D 196 23.20 46.02 24.91
C GLN D 196 21.83 45.39 25.11
N ASN D 197 20.79 45.94 24.47
CA ASN D 197 19.43 45.51 24.77
C ASN D 197 19.10 44.18 24.11
N TRP D 198 19.42 44.03 22.82
CA TRP D 198 19.02 42.85 22.08
C TRP D 198 19.96 41.67 22.24
N VAL D 199 21.14 41.87 22.83
CA VAL D 199 22.04 40.73 23.03
C VAL D 199 21.47 39.75 24.05
N LEU D 200 20.74 40.25 25.04
CA LEU D 200 20.10 39.37 26.01
C LEU D 200 19.03 38.52 25.33
N LEU D 201 18.30 39.09 24.38
CA LEU D 201 17.29 38.34 23.64
C LEU D 201 17.93 37.19 22.86
N CYS D 202 19.04 37.47 22.19
CA CYS D 202 19.74 36.42 21.44
C CYS D 202 20.29 35.36 22.39
N PHE D 203 20.83 35.78 23.52
CA PHE D 203 21.38 34.83 24.48
C PHE D 203 20.32 33.82 24.90
N LEU D 204 19.12 34.32 25.20
CA LEU D 204 18.02 33.48 25.62
C LEU D 204 17.60 32.52 24.50
N LEU D 205 17.57 33.02 23.28
CA LEU D 205 17.16 32.20 22.15
C LEU D 205 18.03 30.95 22.07
N PHE D 206 19.35 31.15 22.05
CA PHE D 206 20.27 30.03 22.01
C PHE D 206 20.18 29.15 23.24
N PHE D 207 19.97 29.78 24.39
CA PHE D 207 19.92 29.04 25.65
C PHE D 207 18.67 28.20 25.89
N LEU D 208 17.48 28.73 25.59
CA LEU D 208 16.25 27.97 25.83
C LEU D 208 16.24 26.60 25.16
N PRO D 209 16.59 26.44 23.88
CA PRO D 209 16.55 25.12 23.27
C PRO D 209 17.73 24.22 23.58
N THR D 210 18.64 24.63 24.47
CA THR D 210 19.78 23.81 24.84
C THR D 210 19.55 23.04 26.13
N VAL D 211 18.97 23.67 27.15
CA VAL D 211 18.72 22.98 28.42
C VAL D 211 17.75 21.83 28.22
N VAL D 212 16.70 22.04 27.43
CA VAL D 212 15.73 20.99 27.17
C VAL D 212 16.40 19.81 26.48
N MET D 213 17.22 20.10 25.46
CA MET D 213 17.89 19.03 24.73
C MET D 213 18.84 18.24 25.63
N VAL D 214 19.61 18.95 26.46
CA VAL D 214 20.55 18.27 27.35
C VAL D 214 19.79 17.40 28.35
N PHE D 215 18.70 17.92 28.91
CA PHE D 215 17.93 17.15 29.88
C PHE D 215 17.33 15.90 29.24
N LEU D 216 16.76 16.05 28.05
CA LEU D 216 16.17 14.90 27.37
C LEU D 216 17.22 13.86 27.02
N TYR D 217 18.40 14.28 26.55
CA TYR D 217 19.45 13.31 26.25
C TYR D 217 19.98 12.64 27.52
N GLY D 218 20.03 13.36 28.63
CA GLY D 218 20.41 12.73 29.89
C GLY D 218 19.41 11.67 30.32
N ARG D 219 18.11 11.97 30.18
CA ARG D 219 17.09 10.97 30.50
C ARG D 219 17.21 9.75 29.58
N ILE D 220 17.45 9.99 28.29
CA ILE D 220 17.62 8.89 27.35
C ILE D 220 18.81 8.03 27.72
N PHE D 221 19.92 8.65 28.11
CA PHE D 221 21.10 7.90 28.52
C PHE D 221 20.83 7.08 29.78
N LEU D 222 20.09 7.66 30.73
CA LEU D 222 19.74 6.91 31.93
C LEU D 222 18.88 5.70 31.60
N VAL D 223 17.91 5.87 30.71
CA VAL D 223 17.06 4.75 30.30
C VAL D 223 17.89 3.67 29.61
N ALA D 224 18.83 4.09 28.75
CA ALA D 224 19.69 3.12 28.07
C ALA D 224 20.56 2.37 29.07
N LYS D 225 21.09 3.07 30.07
CA LYS D 225 21.88 2.40 31.10
C LYS D 225 21.05 1.40 31.89
N TYR D 226 19.80 1.77 32.20
CA TYR D 226 18.93 0.85 32.92
C TYR D 226 18.64 -0.39 32.09
N GLN D 227 18.37 -0.22 30.79
CA GLN D 227 18.13 -1.37 29.93
C GLN D 227 19.37 -2.24 29.81
N ALA D 228 20.56 -1.63 29.71
CA ALA D 228 21.78 -2.41 29.66
C ALA D 228 22.00 -3.19 30.95
N ARG D 229 21.67 -2.59 32.08
CA ARG D 229 21.73 -3.31 33.36
C ARG D 229 20.78 -4.49 33.37
N LYS D 230 19.55 -4.29 32.88
CA LYS D 230 18.57 -5.37 32.85
C LYS D 230 19.00 -6.51 31.94
N ILE D 231 19.58 -6.19 30.78
CA ILE D 231 19.89 -7.21 29.79
C ILE D 231 20.90 -8.22 30.34
N GLU D 232 21.95 -7.73 30.98
CA GLU D 232 22.99 -8.59 31.52
C GLU D 232 22.59 -9.11 32.90
N GLY D 233 23.29 -10.14 33.34
CA GLY D 233 23.03 -10.74 34.64
C GLY D 233 22.43 -12.13 34.55
N TYR D 245 28.03 -8.36 35.81
CA TYR D 245 29.33 -8.44 35.15
C TYR D 245 29.72 -7.08 34.57
N LYS D 246 30.59 -6.37 35.29
CA LYS D 246 31.04 -5.05 34.89
C LYS D 246 31.68 -5.04 33.50
N GLU D 247 32.47 -6.07 33.21
CA GLU D 247 33.15 -6.13 31.92
C GLU D 247 32.18 -6.23 30.75
N ARG D 248 30.95 -6.67 30.99
CA ARG D 248 29.93 -6.73 29.94
C ARG D 248 29.13 -5.45 29.85
N VAL D 249 28.73 -4.89 31.00
CA VAL D 249 27.98 -3.64 31.02
C VAL D 249 28.82 -2.47 30.52
N ALA D 250 30.15 -2.57 30.62
CA ALA D 250 31.01 -1.47 30.21
C ALA D 250 30.87 -1.18 28.72
N LYS D 251 30.86 -2.23 27.90
CA LYS D 251 30.73 -2.03 26.46
C LYS D 251 29.41 -1.39 26.10
N ARG D 252 28.32 -1.85 26.73
CA ARG D 252 27.01 -1.26 26.48
C ARG D 252 26.98 0.20 26.90
N GLU D 253 27.57 0.52 28.06
CA GLU D 253 27.60 1.92 28.50
C GLU D 253 28.39 2.79 27.53
N ARG D 254 29.52 2.28 27.06
CA ARG D 254 30.34 3.02 26.11
C ARG D 254 29.59 3.27 24.81
N LYS D 255 28.89 2.25 24.34
CA LYS D 255 28.12 2.34 23.10
C LYS D 255 26.96 3.33 23.23
N ALA D 256 26.27 3.30 24.37
CA ALA D 256 25.15 4.20 24.59
C ALA D 256 25.59 5.63 24.86
N ALA D 257 26.81 5.83 25.36
CA ALA D 257 27.28 7.17 25.67
C ALA D 257 27.93 7.87 24.48
N LYS D 258 28.65 7.11 23.63
CA LYS D 258 29.38 7.73 22.53
C LYS D 258 28.42 8.37 21.52
N THR D 259 27.31 7.69 21.21
CA THR D 259 26.39 8.21 20.21
C THR D 259 25.82 9.56 20.62
N LEU D 260 25.44 9.70 21.89
CA LEU D 260 24.90 10.97 22.37
C LEU D 260 26.01 12.01 22.53
N GLY D 261 27.19 11.60 22.99
CA GLY D 261 28.27 12.54 23.19
C GLY D 261 28.77 13.15 21.90
N ILE D 262 28.74 12.39 20.81
CA ILE D 262 29.17 12.93 19.53
C ILE D 262 28.31 14.11 19.13
N ALA D 263 26.98 13.93 19.19
CA ALA D 263 26.08 15.03 18.85
C ALA D 263 26.20 16.19 19.82
N MET D 264 26.33 15.89 21.12
CA MET D 264 26.44 16.95 22.12
C MET D 264 27.67 17.81 21.87
N ALA D 265 28.82 17.16 21.62
CA ALA D 265 30.04 17.91 21.35
C ALA D 265 29.93 18.70 20.06
N ALA D 266 29.44 18.04 18.99
CA ALA D 266 29.35 18.70 17.69
C ALA D 266 28.44 19.92 17.74
N PHE D 267 27.45 19.91 18.62
CA PHE D 267 26.60 21.09 18.76
C PHE D 267 27.24 22.15 19.65
N LEU D 268 27.76 21.73 20.80
CA LEU D 268 28.24 22.71 21.79
C LEU D 268 29.50 23.43 21.31
N VAL D 269 30.51 22.67 20.86
CA VAL D 269 31.78 23.30 20.47
C VAL D 269 31.63 24.18 19.25
N SER D 270 30.51 24.06 18.53
CA SER D 270 30.23 24.92 17.38
C SER D 270 29.38 26.13 17.74
N TRP D 271 28.42 25.98 18.66
CA TRP D 271 27.53 27.09 18.95
C TRP D 271 27.98 27.97 20.09
N LEU D 272 28.55 27.35 21.12
CA LEU D 272 29.00 28.04 22.33
C LEU D 272 30.01 29.16 22.12
N PRO D 273 31.06 28.89 21.32
CA PRO D 273 32.12 29.88 21.06
C PRO D 273 31.58 31.26 20.66
N TYR D 274 30.61 31.29 19.76
CA TYR D 274 30.04 32.56 19.31
C TYR D 274 29.17 33.29 20.34
N ILE D 275 28.23 32.58 20.94
CA ILE D 275 27.33 33.21 21.91
C ILE D 275 28.13 33.83 23.04
N ILE D 276 29.18 33.14 23.49
CA ILE D 276 30.03 33.70 24.55
C ILE D 276 30.64 35.01 24.10
N ASP D 277 31.18 35.03 22.88
CA ASP D 277 31.80 36.25 22.36
C ASP D 277 30.76 37.36 22.22
N ALA D 278 29.58 37.02 21.71
CA ALA D 278 28.55 38.04 21.52
C ALA D 278 28.10 38.64 22.84
N VAL D 279 27.93 37.80 23.86
CA VAL D 279 27.48 38.28 25.16
C VAL D 279 28.54 39.15 25.84
N ILE D 280 29.81 38.92 25.52
CA ILE D 280 30.92 39.71 26.09
C ILE D 280 31.36 41.06 25.49
N ASP D 281 30.89 41.42 24.31
CA ASP D 281 31.29 42.68 23.67
C ASP D 281 30.19 43.72 23.77
N ALA D 282 28.99 43.28 24.10
CA ALA D 282 27.86 44.19 24.22
C ALA D 282 27.89 44.95 25.54
N TYR D 283 28.07 44.22 26.64
CA TYR D 283 28.17 44.86 27.95
C TYR D 283 29.58 45.43 28.07
N MET D 284 30.53 44.75 27.45
CA MET D 284 31.92 45.19 27.39
C MET D 284 32.00 46.28 26.33
N ASN D 285 33.01 47.15 26.38
CA ASN D 285 33.07 48.23 25.39
C ASN D 285 33.69 47.89 24.03
N PHE D 286 33.08 46.91 23.34
CA PHE D 286 33.47 46.50 21.99
C PHE D 286 34.94 46.16 21.71
N ILE D 287 35.59 45.42 22.59
CA ILE D 287 36.97 45.05 22.33
C ILE D 287 37.02 43.65 21.74
N THR D 288 37.31 43.57 20.45
CA THR D 288 37.38 42.32 19.69
C THR D 288 37.88 42.58 18.27
N PRO D 289 39.13 42.18 17.98
CA PRO D 289 39.72 42.36 16.65
C PRO D 289 38.86 41.71 15.57
N ALA D 290 38.70 42.38 14.44
CA ALA D 290 37.88 41.82 13.36
C ALA D 290 38.49 40.59 12.71
N TYR D 291 39.74 40.25 13.00
CA TYR D 291 40.37 39.11 12.34
C TYR D 291 40.03 37.78 13.00
N VAL D 292 39.31 37.84 14.12
CA VAL D 292 38.91 36.65 14.85
C VAL D 292 37.40 36.47 14.83
N TYR D 293 36.66 37.58 14.77
CA TYR D 293 35.21 37.50 14.76
C TYR D 293 34.71 36.71 13.56
N GLU D 294 35.33 36.92 12.40
CA GLU D 294 34.98 36.14 11.22
C GLU D 294 35.28 34.66 11.43
N ILE D 295 36.41 34.36 12.08
CA ILE D 295 36.75 32.97 12.37
C ILE D 295 35.71 32.33 13.27
N LEU D 296 35.30 33.08 14.30
CA LEU D 296 34.31 32.62 15.26
C LEU D 296 32.97 32.33 14.63
N VAL D 297 32.56 33.19 13.70
CA VAL D 297 31.28 33.02 13.02
C VAL D 297 31.24 31.72 12.23
N TRP D 298 32.37 31.41 11.59
CA TRP D 298 32.49 30.20 10.81
C TRP D 298 32.31 28.98 11.71
N CYS D 299 32.60 29.14 13.00
CA CYS D 299 32.38 28.05 13.94
C CYS D 299 30.88 27.76 13.99
N VAL D 300 30.02 28.76 14.01
CA VAL D 300 28.59 28.43 14.01
C VAL D 300 28.15 27.90 12.66
N TYR D 301 28.70 28.44 11.59
CA TYR D 301 28.33 28.06 10.23
C TYR D 301 28.58 26.60 9.91
N TYR D 302 29.78 26.18 10.29
CA TYR D 302 30.35 24.86 10.05
C TYR D 302 29.55 23.74 10.65
N ASN D 303 28.79 24.07 11.67
CA ASN D 303 27.93 23.13 12.34
C ASN D 303 27.02 22.66 11.24
N SER D 304 26.91 23.46 10.18
CA SER D 304 26.08 23.11 9.03
C SER D 304 26.66 21.94 8.26
N ALA D 305 27.99 21.89 8.10
CA ALA D 305 28.59 20.80 7.34
C ALA D 305 28.53 19.48 8.09
N MET D 306 28.46 19.53 9.42
CA MET D 306 28.46 18.32 10.23
C MET D 306 27.07 17.83 10.61
N ASN D 307 26.05 18.69 10.53
CA ASN D 307 24.71 18.26 10.91
C ASN D 307 24.18 17.09 10.06
N PRO D 308 24.23 17.14 8.72
CA PRO D 308 23.72 15.97 7.97
C PRO D 308 24.58 14.74 8.13
N LEU D 309 25.90 14.91 8.17
CA LEU D 309 26.80 13.77 8.31
C LEU D 309 26.60 13.04 9.64
N ILE D 310 26.02 13.70 10.63
CA ILE D 310 25.78 13.10 11.93
C ILE D 310 24.35 12.57 12.04
N TYR D 311 23.36 13.34 11.61
CA TYR D 311 21.97 12.94 11.79
C TYR D 311 21.43 12.06 10.67
N ALA D 312 22.17 11.90 9.57
CA ALA D 312 21.70 11.07 8.46
C ALA D 312 22.64 9.92 8.16
N PHE D 313 23.92 10.19 7.94
CA PHE D 313 24.85 9.16 7.48
C PHE D 313 25.28 8.20 8.58
N PHE D 314 24.98 8.51 9.85
CA PHE D 314 25.42 7.65 10.94
C PHE D 314 24.62 6.36 11.03
N TYR D 315 23.53 6.22 10.28
CA TYR D 315 22.67 5.05 10.35
C TYR D 315 22.81 4.19 9.09
N PRO D 316 22.63 2.86 9.24
CA PRO D 316 22.71 1.84 8.18
C PRO D 316 21.74 2.22 7.08
N TRP D 317 20.46 2.36 7.40
CA TRP D 317 19.46 2.67 6.35
C TRP D 317 19.79 3.83 5.43
N PHE D 318 20.18 4.97 5.99
CA PHE D 318 20.56 6.11 5.17
C PHE D 318 21.81 5.78 4.35
N ARG D 319 22.75 5.07 4.96
CA ARG D 319 24.00 4.70 4.28
C ARG D 319 23.81 3.75 3.10
N LYS D 320 22.70 3.01 3.07
CA LYS D 320 22.41 2.11 1.96
C LYS D 320 21.76 2.91 0.83
N ALA D 321 20.79 3.76 1.18
CA ALA D 321 20.13 4.58 0.18
C ALA D 321 21.12 5.53 -0.50
N ILE D 322 22.02 6.13 0.29
CA ILE D 322 23.02 7.02 -0.30
C ILE D 322 23.93 6.24 -1.26
N LYS D 323 24.30 5.02 -0.88
CA LYS D 323 25.13 4.19 -1.76
C LYS D 323 24.40 3.86 -3.05
N LEU D 324 23.10 3.56 -2.96
CA LEU D 324 22.33 3.26 -4.17
C LEU D 324 22.19 4.48 -5.06
N ILE D 325 21.99 5.65 -4.47
CA ILE D 325 21.82 6.87 -5.28
C ILE D 325 23.09 7.19 -6.04
N VAL D 326 24.25 7.06 -5.38
CA VAL D 326 25.53 7.34 -6.04
C VAL D 326 25.73 6.40 -7.23
N SER D 327 25.34 5.14 -7.09
CA SER D 327 25.47 4.19 -8.18
C SER D 327 24.46 4.52 -9.28
N GLY D 328 24.43 3.67 -10.32
CA GLY D 328 23.56 3.93 -11.45
C GLY D 328 22.09 3.90 -11.08
N LYS D 329 21.69 2.93 -10.28
CA LYS D 329 20.30 2.78 -9.89
C LYS D 329 19.87 3.87 -8.90
N VAL E 39 -33.16 -0.54 -4.63
CA VAL E 39 -32.87 0.61 -5.47
C VAL E 39 -34.14 1.41 -5.71
N GLN E 40 -34.19 2.63 -5.16
CA GLN E 40 -35.35 3.49 -5.33
C GLN E 40 -34.91 4.94 -5.22
N LEU E 41 -35.21 5.72 -6.26
CA LEU E 41 -34.89 7.14 -6.31
C LEU E 41 -36.18 7.92 -6.48
N VAL E 42 -36.40 8.92 -5.60
CA VAL E 42 -37.60 9.74 -5.68
C VAL E 42 -37.21 11.21 -5.64
N GLU E 43 -38.16 12.05 -6.07
CA GLU E 43 -37.93 13.47 -6.28
C GLU E 43 -38.84 14.30 -5.38
N SER E 44 -38.28 15.38 -4.83
CA SER E 44 -39.04 16.37 -4.08
C SER E 44 -38.74 17.74 -4.66
N GLY E 45 -39.78 18.50 -4.97
CA GLY E 45 -39.69 19.83 -5.53
C GLY E 45 -40.58 19.98 -6.74
N GLY E 46 -40.44 21.09 -7.43
CA GLY E 46 -41.18 21.36 -8.64
C GLY E 46 -42.47 22.10 -8.38
N GLY E 47 -42.98 22.73 -9.43
CA GLY E 47 -44.21 23.49 -9.35
C GLY E 47 -44.16 24.68 -10.31
N LEU E 48 -44.67 25.80 -9.84
CA LEU E 48 -44.71 27.05 -10.61
C LEU E 48 -44.00 28.14 -9.82
N VAL E 49 -43.14 28.89 -10.49
CA VAL E 49 -42.37 29.96 -9.87
C VAL E 49 -42.42 31.20 -10.74
N GLN E 50 -42.17 32.34 -10.12
CA GLN E 50 -42.00 33.58 -10.87
C GLN E 50 -40.69 33.54 -11.65
N PRO E 51 -40.63 34.21 -12.81
CA PRO E 51 -39.38 34.24 -13.56
C PRO E 51 -38.25 34.86 -12.75
N GLY E 52 -37.06 34.31 -12.91
CA GLY E 52 -35.91 34.78 -12.14
C GLY E 52 -36.04 34.56 -10.66
N GLY E 53 -36.54 33.40 -10.25
CA GLY E 53 -36.71 33.10 -8.83
C GLY E 53 -35.68 32.12 -8.31
N SER E 54 -36.14 31.15 -7.51
CA SER E 54 -35.24 30.16 -6.95
C SER E 54 -36.03 28.91 -6.59
N ARG E 55 -35.34 27.77 -6.61
CA ARG E 55 -35.95 26.50 -6.23
C ARG E 55 -34.86 25.52 -5.81
N LYS E 56 -35.27 24.48 -5.09
CA LYS E 56 -34.38 23.42 -4.63
C LYS E 56 -35.05 22.09 -4.91
N LEU E 57 -34.39 21.25 -5.72
CA LEU E 57 -34.91 19.94 -6.06
C LEU E 57 -34.02 18.86 -5.45
N SER E 58 -34.64 17.91 -4.74
CA SER E 58 -33.90 16.90 -4.00
C SER E 58 -34.24 15.51 -4.53
N CYS E 59 -33.23 14.77 -4.95
CA CYS E 59 -33.35 13.36 -5.29
C CYS E 59 -32.87 12.55 -4.09
N SER E 60 -33.77 11.77 -3.51
CA SER E 60 -33.44 10.94 -2.35
C SER E 60 -33.47 9.48 -2.75
N ALA E 61 -32.50 8.73 -2.23
CA ALA E 61 -32.26 7.35 -2.60
C ALA E 61 -32.51 6.42 -1.42
N SER E 62 -32.81 5.16 -1.73
CA SER E 62 -32.97 4.14 -0.72
C SER E 62 -32.76 2.77 -1.35
N GLY E 63 -31.93 1.95 -0.70
CA GLY E 63 -31.74 0.58 -1.13
C GLY E 63 -30.43 0.26 -1.82
N PHE E 64 -29.49 1.20 -1.87
CA PHE E 64 -28.20 0.91 -2.50
C PHE E 64 -27.12 1.79 -1.88
N ALA E 65 -25.87 1.40 -2.13
CA ALA E 65 -24.71 2.10 -1.57
C ALA E 65 -24.51 3.45 -2.24
N PHE E 66 -25.03 4.51 -1.63
CA PHE E 66 -24.96 5.84 -2.24
C PHE E 66 -23.52 6.31 -2.37
N SER E 67 -22.71 6.15 -1.33
CA SER E 67 -21.39 6.77 -1.26
C SER E 67 -20.44 6.27 -2.35
N SER E 68 -20.73 5.11 -2.94
CA SER E 68 -19.86 4.56 -3.98
C SER E 68 -20.30 4.97 -5.38
N PHE E 69 -21.34 5.78 -5.52
CA PHE E 69 -21.90 6.13 -6.83
C PHE E 69 -21.65 7.59 -7.15
N GLY E 70 -21.64 7.89 -8.45
CA GLY E 70 -21.67 9.25 -8.96
C GLY E 70 -23.03 9.50 -9.56
N MET E 71 -23.45 10.77 -9.60
CA MET E 71 -24.79 11.10 -10.04
C MET E 71 -24.77 12.12 -11.17
N HIS E 72 -25.75 11.98 -12.05
CA HIS E 72 -26.00 12.88 -13.16
C HIS E 72 -27.42 13.41 -13.05
N TRP E 73 -27.64 14.61 -13.58
CA TRP E 73 -28.98 15.19 -13.68
C TRP E 73 -29.35 15.31 -15.14
N VAL E 74 -30.50 14.75 -15.52
CA VAL E 74 -30.93 14.72 -16.91
C VAL E 74 -32.24 15.49 -17.04
N ARG E 75 -32.28 16.40 -18.00
CA ARG E 75 -33.44 17.25 -18.24
C ARG E 75 -34.10 16.87 -19.55
N GLN E 76 -35.43 16.83 -19.55
CA GLN E 76 -36.20 16.51 -20.75
C GLN E 76 -37.33 17.51 -20.90
N ALA E 77 -37.35 18.21 -22.04
CA ALA E 77 -38.43 19.14 -22.32
C ALA E 77 -39.73 18.38 -22.59
N PRO E 78 -40.89 19.00 -22.33
CA PRO E 78 -42.16 18.31 -22.56
C PRO E 78 -42.39 17.89 -24.01
N GLU E 79 -41.72 18.53 -24.97
CA GLU E 79 -41.91 18.21 -26.38
C GLU E 79 -40.61 17.82 -27.09
N LYS E 80 -39.48 17.80 -26.38
CA LYS E 80 -38.20 17.50 -27.02
C LYS E 80 -37.47 16.37 -26.31
N GLY E 81 -36.22 16.14 -26.69
CA GLY E 81 -35.45 15.02 -26.18
C GLY E 81 -34.81 15.28 -24.83
N LEU E 82 -33.80 14.47 -24.53
CA LEU E 82 -33.12 14.52 -23.25
C LEU E 82 -31.92 15.47 -23.30
N GLU E 83 -31.56 16.01 -22.14
CA GLU E 83 -30.41 16.89 -22.01
C GLU E 83 -29.77 16.66 -20.65
N TRP E 84 -28.49 17.02 -20.55
CA TRP E 84 -27.71 16.85 -19.34
C TRP E 84 -27.35 18.22 -18.77
N VAL E 85 -27.46 18.38 -17.45
CA VAL E 85 -27.31 19.70 -16.84
C VAL E 85 -26.25 19.73 -15.75
N ALA E 86 -25.98 18.60 -15.10
CA ALA E 86 -25.07 18.62 -13.96
C ALA E 86 -24.57 17.21 -13.66
N TYR E 87 -23.37 17.15 -13.06
CA TYR E 87 -22.77 15.87 -12.66
C TYR E 87 -21.92 16.06 -11.41
N ILE E 88 -22.10 15.14 -10.47
CA ILE E 88 -21.34 15.10 -9.22
C ILE E 88 -20.65 13.74 -9.12
N SER E 89 -19.38 13.74 -8.72
CA SER E 89 -18.60 12.51 -8.63
C SER E 89 -18.81 11.89 -7.24
N SER E 90 -18.01 10.87 -6.94
CA SER E 90 -18.01 10.26 -5.62
C SER E 90 -16.97 10.96 -4.76
N GLY E 91 -17.38 11.40 -3.57
CA GLY E 91 -16.53 12.20 -2.73
C GLY E 91 -16.52 13.68 -3.06
N SER E 92 -17.34 14.12 -4.01
CA SER E 92 -17.43 15.53 -4.40
C SER E 92 -16.08 16.09 -4.83
N GLY E 93 -15.31 15.27 -5.54
CA GLY E 93 -14.01 15.67 -6.03
C GLY E 93 -13.97 16.16 -7.46
N THR E 94 -15.08 16.08 -8.19
CA THR E 94 -15.12 16.55 -9.58
C THR E 94 -16.57 16.89 -9.91
N ILE E 95 -16.84 18.17 -10.10
CA ILE E 95 -18.19 18.66 -10.39
C ILE E 95 -18.20 19.24 -11.79
N TYR E 96 -19.18 18.82 -12.59
CA TYR E 96 -19.28 19.28 -13.97
C TYR E 96 -20.65 19.87 -14.24
N TYR E 97 -20.68 20.91 -15.07
CA TYR E 97 -21.91 21.57 -15.47
C TYR E 97 -21.92 21.75 -16.98
N ALA E 98 -23.13 21.83 -17.54
CA ALA E 98 -23.28 22.13 -18.95
C ALA E 98 -22.94 23.59 -19.23
N ASP E 99 -22.57 23.86 -20.48
CA ASP E 99 -22.20 25.23 -20.86
C ASP E 99 -23.38 26.19 -20.77
N THR E 100 -24.62 25.68 -20.85
CA THR E 100 -25.78 26.55 -20.80
C THR E 100 -26.02 27.09 -19.39
N VAL E 101 -25.80 26.26 -18.36
CA VAL E 101 -26.16 26.61 -17.00
C VAL E 101 -24.93 26.58 -16.11
N LYS E 102 -23.77 26.95 -16.68
CA LYS E 102 -22.50 26.85 -15.98
C LYS E 102 -22.46 27.67 -14.69
N GLY E 103 -23.31 28.69 -14.56
CA GLY E 103 -23.24 29.56 -13.41
C GLY E 103 -24.56 29.85 -12.73
N ARG E 104 -25.60 29.08 -13.04
CA ARG E 104 -26.92 29.32 -12.47
C ARG E 104 -27.42 28.18 -11.59
N PHE E 105 -26.85 26.98 -11.71
CA PHE E 105 -27.26 25.83 -10.91
C PHE E 105 -26.10 25.37 -10.04
N THR E 106 -26.42 24.82 -8.87
CA THR E 106 -25.42 24.19 -8.01
C THR E 106 -25.97 22.85 -7.53
N ILE E 107 -25.05 21.91 -7.29
CA ILE E 107 -25.41 20.56 -6.87
C ILE E 107 -24.58 20.16 -5.66
N SER E 108 -25.24 19.54 -4.68
CA SER E 108 -24.54 19.05 -3.50
C SER E 108 -25.27 17.84 -2.94
N ARG E 109 -24.51 16.93 -2.35
CA ARG E 109 -25.05 15.69 -1.81
C ARG E 109 -24.65 15.53 -0.35
N ASP E 110 -25.49 14.83 0.40
CA ASP E 110 -25.22 14.43 1.77
C ASP E 110 -25.14 12.91 1.77
N ASP E 111 -23.91 12.39 1.86
CA ASP E 111 -23.71 10.95 1.95
C ASP E 111 -24.28 10.35 3.23
N PRO E 112 -24.04 10.91 4.43
CA PRO E 112 -24.70 10.34 5.62
C PRO E 112 -26.22 10.40 5.54
N LYS E 113 -26.78 11.44 4.93
CA LYS E 113 -28.21 11.54 4.75
C LYS E 113 -28.71 10.79 3.52
N ASN E 114 -27.80 10.31 2.66
CA ASN E 114 -28.17 9.58 1.44
C ASN E 114 -29.11 10.40 0.56
N THR E 115 -28.84 11.70 0.44
CA THR E 115 -29.77 12.56 -0.29
C THR E 115 -29.00 13.61 -1.07
N LEU E 116 -29.30 13.73 -2.36
CA LEU E 116 -28.65 14.71 -3.22
C LEU E 116 -29.65 15.79 -3.60
N PHE E 117 -29.14 16.97 -3.94
CA PHE E 117 -30.03 18.09 -4.26
C PHE E 117 -29.30 19.07 -5.15
N LEU E 118 -30.10 19.90 -5.83
CA LEU E 118 -29.58 21.02 -6.60
C LEU E 118 -30.40 22.27 -6.31
N GLN E 119 -29.70 23.40 -6.24
CA GLN E 119 -30.31 24.70 -6.06
C GLN E 119 -30.22 25.47 -7.37
N MET E 120 -31.35 26.01 -7.81
CA MET E 120 -31.46 26.76 -9.05
C MET E 120 -31.89 28.18 -8.73
N THR E 121 -31.19 29.15 -9.32
CA THR E 121 -31.47 30.56 -9.11
C THR E 121 -31.56 31.28 -10.45
N SER E 122 -32.39 32.33 -10.49
CA SER E 122 -32.61 33.14 -11.69
C SER E 122 -33.08 32.28 -12.85
N LEU E 123 -34.23 31.64 -12.65
CA LEU E 123 -34.76 30.72 -13.65
C LEU E 123 -35.23 31.48 -14.89
N ARG E 124 -34.79 31.03 -16.05
CA ARG E 124 -35.18 31.63 -17.32
C ARG E 124 -36.44 30.95 -17.84
N SER E 125 -36.80 31.22 -19.09
CA SER E 125 -37.99 30.65 -19.71
C SER E 125 -37.72 29.31 -20.38
N GLU E 126 -36.49 28.80 -20.33
CA GLU E 126 -36.12 27.55 -20.95
C GLU E 126 -35.87 26.44 -19.93
N ASP E 127 -36.34 26.62 -18.70
CA ASP E 127 -36.13 25.65 -17.64
C ASP E 127 -37.37 24.82 -17.31
N THR E 128 -38.47 25.01 -18.04
CA THR E 128 -39.67 24.21 -17.83
C THR E 128 -39.48 22.86 -18.50
N ALA E 129 -39.41 21.80 -17.70
CA ALA E 129 -39.04 20.47 -18.18
C ALA E 129 -39.34 19.47 -17.08
N MET E 130 -38.83 18.25 -17.24
CA MET E 130 -38.86 17.24 -16.19
C MET E 130 -37.44 16.72 -15.97
N TYR E 131 -37.10 16.48 -14.71
CA TYR E 131 -35.73 16.18 -14.30
C TYR E 131 -35.65 14.79 -13.71
N TYR E 132 -34.59 14.06 -14.07
CA TYR E 132 -34.28 12.76 -13.51
C TYR E 132 -32.90 12.79 -12.87
N CYS E 133 -32.73 12.00 -11.81
CA CYS E 133 -31.42 11.75 -11.22
C CYS E 133 -30.97 10.35 -11.60
N VAL E 134 -29.77 10.24 -12.16
CA VAL E 134 -29.23 8.99 -12.68
C VAL E 134 -27.97 8.63 -11.90
N ARG E 135 -27.81 7.35 -11.58
CA ARG E 135 -26.64 6.87 -10.87
C ARG E 135 -25.73 6.12 -11.83
N SER E 136 -24.42 6.37 -11.72
CA SER E 136 -23.43 5.71 -12.55
C SER E 136 -22.19 5.42 -11.71
N ILE E 137 -21.55 4.29 -12.00
CA ILE E 137 -20.32 3.90 -11.33
C ILE E 137 -19.29 3.57 -12.41
N TYR E 138 -18.05 4.00 -12.20
CA TYR E 138 -17.01 3.91 -13.22
C TYR E 138 -15.83 3.10 -12.68
N TYR E 139 -15.85 1.80 -12.98
CA TYR E 139 -14.67 0.94 -12.83
C TYR E 139 -14.60 0.04 -14.05
N TYR E 140 -13.55 -0.77 -14.13
CA TYR E 140 -13.31 -1.61 -15.30
C TYR E 140 -14.43 -2.64 -15.41
N GLY E 141 -15.31 -2.45 -16.39
CA GLY E 141 -16.43 -3.35 -16.63
C GLY E 141 -17.76 -2.90 -16.08
N SER E 142 -17.83 -1.75 -15.43
CA SER E 142 -19.08 -1.27 -14.87
C SER E 142 -20.00 -0.78 -15.98
N SER E 143 -21.27 -0.60 -15.63
CA SER E 143 -22.29 -0.12 -16.58
C SER E 143 -22.86 1.20 -16.07
N PRO E 144 -22.37 2.34 -16.56
CA PRO E 144 -22.92 3.63 -16.13
C PRO E 144 -24.33 3.84 -16.65
N PHE E 145 -25.04 4.75 -15.98
CA PHE E 145 -26.42 5.10 -16.33
C PHE E 145 -27.33 3.87 -16.28
N ASP E 146 -27.12 3.02 -15.27
CA ASP E 146 -27.82 1.75 -15.17
C ASP E 146 -29.15 1.84 -14.45
N PHE E 147 -29.50 3.00 -13.90
CA PHE E 147 -30.79 3.16 -13.23
C PHE E 147 -31.21 4.62 -13.29
N TRP E 148 -32.50 4.85 -13.51
CA TRP E 148 -33.06 6.18 -13.63
C TRP E 148 -34.20 6.37 -12.63
N GLY E 149 -34.30 7.58 -12.09
CA GLY E 149 -35.37 7.91 -11.18
C GLY E 149 -36.66 8.25 -11.91
N GLN E 150 -37.68 8.59 -11.12
CA GLN E 150 -38.98 8.93 -11.68
C GLN E 150 -39.02 10.36 -12.23
N GLY E 151 -38.30 11.28 -11.62
CA GLY E 151 -38.22 12.63 -12.11
C GLY E 151 -39.31 13.52 -11.55
N THR E 152 -39.06 14.83 -11.57
CA THR E 152 -40.04 15.81 -11.12
C THR E 152 -40.17 16.90 -12.18
N THR E 153 -41.37 17.47 -12.29
CA THR E 153 -41.68 18.45 -13.32
C THR E 153 -41.57 19.87 -12.77
N LEU E 154 -40.98 20.76 -13.57
CA LEU E 154 -40.87 22.17 -13.24
C LEU E 154 -41.50 22.97 -14.37
N THR E 155 -42.47 23.81 -14.03
CA THR E 155 -43.13 24.69 -14.99
C THR E 155 -42.82 26.13 -14.61
N VAL E 156 -42.09 26.82 -15.47
CA VAL E 156 -41.73 28.22 -15.25
C VAL E 156 -42.74 29.10 -15.99
N SER E 157 -43.35 30.02 -15.27
CA SER E 157 -44.35 30.91 -15.85
C SER E 157 -43.66 32.00 -16.66
N ALA E 158 -44.44 32.90 -17.24
CA ALA E 158 -43.91 34.00 -18.04
C ALA E 158 -43.86 35.28 -17.23
N SER E 173 -19.07 27.00 -28.36
CA SER E 173 -18.64 25.78 -27.68
C SER E 173 -18.79 24.57 -28.60
N ALA E 174 -17.66 23.99 -28.99
CA ALA E 174 -17.66 22.83 -29.87
C ALA E 174 -17.98 21.56 -29.10
N ASP E 175 -18.85 20.73 -29.66
CA ASP E 175 -19.22 19.48 -29.05
C ASP E 175 -19.74 18.54 -30.14
N ILE E 176 -19.80 17.25 -29.79
CA ILE E 176 -20.30 16.26 -30.74
C ILE E 176 -21.79 16.45 -30.94
N VAL E 177 -22.21 16.57 -32.19
CA VAL E 177 -23.60 16.68 -32.57
C VAL E 177 -24.00 15.36 -33.21
N MET E 178 -24.98 14.68 -32.62
CA MET E 178 -25.38 13.35 -33.05
C MET E 178 -26.80 13.40 -33.59
N THR E 179 -26.98 12.92 -34.82
CA THR E 179 -28.23 13.04 -35.55
C THR E 179 -28.83 11.66 -35.78
N GLN E 180 -30.11 11.51 -35.47
CA GLN E 180 -30.84 10.28 -35.80
C GLN E 180 -31.27 10.32 -37.26
N ALA E 181 -31.21 9.17 -37.92
CA ALA E 181 -31.57 9.08 -39.34
C ALA E 181 -33.03 9.49 -39.56
N THR E 182 -33.95 8.72 -38.99
CA THR E 182 -35.38 8.97 -39.12
C THR E 182 -35.98 9.19 -37.73
N SER E 183 -36.78 10.24 -37.59
CA SER E 183 -37.38 10.56 -36.31
C SER E 183 -38.61 9.72 -35.99
N SER E 184 -39.14 8.97 -36.96
CA SER E 184 -40.33 8.13 -36.72
C SER E 184 -40.24 6.95 -37.68
N VAL E 185 -39.87 5.79 -37.15
CA VAL E 185 -39.75 4.57 -37.92
C VAL E 185 -40.90 3.63 -37.52
N PRO E 186 -41.93 3.48 -38.35
CA PRO E 186 -42.99 2.53 -38.03
C PRO E 186 -42.68 1.13 -38.55
N VAL E 187 -42.76 0.13 -37.68
CA VAL E 187 -42.44 -1.24 -38.04
C VAL E 187 -43.56 -2.16 -37.58
N THR E 188 -43.73 -3.26 -38.30
CA THR E 188 -44.73 -4.26 -37.94
C THR E 188 -44.22 -5.11 -36.77
N PRO E 189 -45.14 -5.65 -35.97
CA PRO E 189 -44.72 -6.50 -34.85
C PRO E 189 -43.99 -7.75 -35.34
N GLY E 190 -43.00 -8.18 -34.58
CA GLY E 190 -42.26 -9.38 -34.91
C GLY E 190 -41.45 -9.29 -36.19
N GLU E 191 -40.78 -8.17 -36.42
CA GLU E 191 -39.94 -8.01 -37.60
C GLU E 191 -38.63 -7.36 -37.21
N SER E 192 -37.61 -7.56 -38.03
CA SER E 192 -36.30 -6.99 -37.77
C SER E 192 -36.32 -5.49 -37.93
N VAL E 193 -35.69 -4.79 -37.00
CA VAL E 193 -35.56 -3.33 -37.04
C VAL E 193 -34.07 -3.00 -36.98
N SER E 194 -33.67 -2.02 -37.78
CA SER E 194 -32.25 -1.72 -38.03
C SER E 194 -31.97 -0.23 -37.83
N ILE E 195 -32.37 0.30 -36.66
CA ILE E 195 -32.23 1.73 -36.41
C ILE E 195 -30.77 2.15 -36.56
N SER E 196 -30.57 3.35 -37.11
CA SER E 196 -29.23 3.85 -37.38
C SER E 196 -29.00 5.19 -36.69
N CYS E 197 -27.73 5.50 -36.47
CA CYS E 197 -27.34 6.76 -35.85
C CYS E 197 -25.98 7.18 -36.37
N ARG E 198 -25.74 8.48 -36.41
CA ARG E 198 -24.50 9.05 -36.93
C ARG E 198 -23.91 10.01 -35.91
N SER E 199 -22.58 9.98 -35.78
CA SER E 199 -21.85 10.84 -34.86
C SER E 199 -20.94 11.78 -35.64
N SER E 200 -20.72 12.97 -35.07
CA SER E 200 -19.88 13.97 -35.70
C SER E 200 -18.40 13.73 -35.49
N LYS E 201 -18.03 12.75 -34.66
CA LYS E 201 -16.62 12.44 -34.41
C LYS E 201 -16.52 10.97 -34.04
N SER E 202 -15.35 10.38 -34.33
CA SER E 202 -15.11 8.99 -34.00
C SER E 202 -15.16 8.80 -32.48
N LEU E 203 -16.18 8.09 -32.00
CA LEU E 203 -16.30 7.84 -30.57
C LEU E 203 -15.27 6.86 -30.06
N LEU E 204 -14.63 6.11 -30.94
CA LEU E 204 -13.64 5.13 -30.54
C LEU E 204 -12.42 5.81 -29.92
N HIS E 205 -11.94 5.25 -28.81
CA HIS E 205 -10.76 5.75 -28.11
C HIS E 205 -9.56 4.87 -28.43
N SER E 206 -8.37 5.40 -28.12
CA SER E 206 -7.13 4.69 -28.41
C SER E 206 -6.99 3.41 -27.59
N ASN E 207 -7.77 3.24 -26.53
CA ASN E 207 -7.72 2.03 -25.71
C ASN E 207 -8.70 0.96 -26.18
N GLY E 208 -9.53 1.24 -27.18
CA GLY E 208 -10.44 0.24 -27.70
C GLY E 208 -11.90 0.55 -27.45
N ASN E 209 -12.21 1.09 -26.28
CA ASN E 209 -13.60 1.38 -25.93
C ASN E 209 -14.16 2.48 -26.82
N THR E 210 -15.48 2.42 -27.04
CA THR E 210 -16.16 3.35 -27.93
C THR E 210 -17.09 4.31 -27.19
N TYR E 211 -17.66 3.91 -26.06
CA TYR E 211 -18.52 4.77 -25.24
C TYR E 211 -19.77 5.19 -26.02
N LEU E 212 -20.51 4.19 -26.47
CA LEU E 212 -21.80 4.38 -27.12
C LEU E 212 -22.89 3.74 -26.26
N TYR E 213 -23.88 4.53 -25.86
CA TYR E 213 -24.95 4.07 -25.00
C TYR E 213 -26.29 4.22 -25.70
N TRP E 214 -27.21 3.31 -25.41
CA TRP E 214 -28.57 3.36 -25.94
C TRP E 214 -29.56 3.44 -24.78
N PHE E 215 -30.68 4.12 -25.02
CA PHE E 215 -31.72 4.29 -24.01
C PHE E 215 -33.08 4.13 -24.66
N LEU E 216 -33.98 3.45 -23.95
CA LEU E 216 -35.36 3.26 -24.38
C LEU E 216 -36.30 3.92 -23.38
N GLN E 217 -37.16 4.80 -23.86
CA GLN E 217 -38.16 5.46 -23.03
C GLN E 217 -39.54 4.98 -23.47
N ARG E 218 -40.20 4.21 -22.62
CA ARG E 218 -41.55 3.75 -22.88
C ARG E 218 -42.55 4.88 -22.63
N PRO E 219 -43.77 4.77 -23.17
CA PRO E 219 -44.74 5.85 -22.98
C PRO E 219 -45.24 5.96 -21.56
N GLY E 220 -44.45 6.58 -20.69
CA GLY E 220 -44.85 6.80 -19.31
C GLY E 220 -43.77 6.66 -18.26
N GLN E 221 -42.76 5.82 -18.52
CA GLN E 221 -41.70 5.62 -17.55
C GLN E 221 -40.42 6.31 -18.00
N SER E 222 -39.44 6.33 -17.10
CA SER E 222 -38.15 6.93 -17.37
C SER E 222 -37.35 6.04 -18.33
N PRO E 223 -36.38 6.64 -19.05
CA PRO E 223 -35.55 5.82 -19.95
C PRO E 223 -34.74 4.78 -19.18
N GLN E 224 -34.49 3.66 -19.85
CA GLN E 224 -33.72 2.56 -19.28
C GLN E 224 -32.57 2.20 -20.21
N LEU E 225 -31.50 1.69 -19.62
CA LEU E 225 -30.32 1.33 -20.40
C LEU E 225 -30.55 0.05 -21.19
N LEU E 226 -30.11 0.05 -22.44
CA LEU E 226 -30.18 -1.12 -23.30
C LEU E 226 -28.81 -1.66 -23.67
N ILE E 227 -27.96 -0.83 -24.26
CA ILE E 227 -26.63 -1.24 -24.72
C ILE E 227 -25.63 -0.19 -24.25
N TYR E 228 -24.51 -0.65 -23.70
CA TYR E 228 -23.41 0.24 -23.31
C TYR E 228 -22.13 -0.22 -23.99
N ARG E 229 -21.41 0.74 -24.58
CA ARG E 229 -20.15 0.49 -25.29
C ARG E 229 -20.34 -0.43 -26.49
N MET E 230 -21.52 -0.34 -27.12
CA MET E 230 -21.76 -0.84 -28.47
C MET E 230 -21.83 -2.37 -28.55
N SER E 231 -21.43 -3.06 -27.50
CA SER E 231 -21.42 -4.51 -27.58
C SER E 231 -22.10 -5.18 -26.40
N ASN E 232 -21.97 -4.63 -25.20
CA ASN E 232 -22.45 -5.30 -24.00
C ASN E 232 -23.94 -5.15 -23.85
N LEU E 233 -24.56 -6.16 -23.25
CA LEU E 233 -26.00 -6.19 -23.01
C LEU E 233 -26.29 -5.91 -21.55
N ALA E 234 -27.34 -5.13 -21.29
CA ALA E 234 -27.73 -4.82 -19.93
C ALA E 234 -28.31 -6.07 -19.25
N SER E 235 -28.42 -6.00 -17.92
CA SER E 235 -28.84 -7.17 -17.15
C SER E 235 -30.30 -7.52 -17.41
N GLY E 236 -31.19 -6.52 -17.37
CA GLY E 236 -32.61 -6.80 -17.49
C GLY E 236 -33.11 -6.95 -18.92
N VAL E 237 -32.42 -6.39 -19.89
CA VAL E 237 -32.85 -6.43 -21.28
C VAL E 237 -32.64 -7.84 -21.82
N PRO E 238 -33.57 -8.36 -22.63
CA PRO E 238 -33.37 -9.70 -23.22
C PRO E 238 -32.34 -9.70 -24.33
N ASP E 239 -32.17 -10.86 -24.99
CA ASP E 239 -31.16 -11.03 -26.03
C ASP E 239 -31.64 -10.58 -27.41
N ARG E 240 -32.89 -10.10 -27.52
CA ARG E 240 -33.39 -9.66 -28.82
C ARG E 240 -32.61 -8.46 -29.34
N PHE E 241 -32.31 -7.50 -28.48
CA PHE E 241 -31.61 -6.29 -28.90
C PHE E 241 -30.13 -6.57 -29.11
N SER E 242 -29.55 -5.90 -30.10
CA SER E 242 -28.12 -6.00 -30.36
C SER E 242 -27.63 -4.66 -30.92
N GLY E 243 -26.33 -4.44 -30.81
CA GLY E 243 -25.74 -3.19 -31.27
C GLY E 243 -24.44 -3.43 -31.99
N SER E 244 -24.13 -2.52 -32.92
CA SER E 244 -22.90 -2.61 -33.69
C SER E 244 -22.52 -1.21 -34.17
N GLY E 245 -21.29 -1.08 -34.64
CA GLY E 245 -20.82 0.20 -35.15
C GLY E 245 -19.39 0.09 -35.62
N SER E 246 -18.92 1.19 -36.20
CA SER E 246 -17.54 1.24 -36.71
C SER E 246 -16.84 2.55 -36.38
N GLY E 247 -17.36 3.33 -35.43
CA GLY E 247 -16.72 4.55 -35.02
C GLY E 247 -17.55 5.80 -35.27
N THR E 248 -18.20 5.87 -36.43
CA THR E 248 -19.04 7.00 -36.79
C THR E 248 -20.50 6.63 -37.06
N ALA E 249 -20.76 5.41 -37.53
CA ALA E 249 -22.12 4.96 -37.81
C ALA E 249 -22.46 3.81 -36.87
N PHE E 250 -23.62 3.91 -36.22
CA PHE E 250 -24.06 2.94 -35.23
C PHE E 250 -25.39 2.34 -35.64
N THR E 251 -25.56 1.05 -35.36
CA THR E 251 -26.76 0.32 -35.72
C THR E 251 -27.29 -0.42 -34.51
N LEU E 252 -28.58 -0.25 -34.23
CA LEU E 252 -29.30 -0.98 -33.20
C LEU E 252 -30.29 -1.91 -33.89
N THR E 253 -30.16 -3.21 -33.62
CA THR E 253 -30.91 -4.23 -34.31
C THR E 253 -31.85 -4.94 -33.34
N ILE E 254 -33.11 -5.07 -33.74
CA ILE E 254 -34.13 -5.77 -32.97
C ILE E 254 -34.63 -6.94 -33.80
N SER E 255 -34.60 -8.14 -33.23
CA SER E 255 -34.99 -9.34 -33.95
C SER E 255 -36.50 -9.50 -34.00
N ARG E 256 -37.12 -9.65 -32.83
CA ARG E 256 -38.56 -9.83 -32.73
C ARG E 256 -39.15 -8.76 -31.82
N LEU E 257 -40.36 -8.33 -32.16
CA LEU E 257 -41.01 -7.22 -31.48
C LEU E 257 -42.26 -7.72 -30.77
N GLU E 258 -42.48 -7.23 -29.55
CA GLU E 258 -43.62 -7.62 -28.72
C GLU E 258 -44.47 -6.38 -28.40
N ALA E 259 -45.50 -6.59 -27.58
CA ALA E 259 -46.43 -5.52 -27.24
C ALA E 259 -45.86 -4.53 -26.23
N GLU E 260 -44.57 -4.62 -25.91
CA GLU E 260 -43.94 -3.70 -24.97
C GLU E 260 -42.72 -2.99 -25.53
N ASP E 261 -42.40 -3.18 -26.82
CA ASP E 261 -41.27 -2.52 -27.45
C ASP E 261 -41.66 -1.23 -28.16
N VAL E 262 -42.72 -0.57 -27.70
CA VAL E 262 -43.14 0.71 -28.24
C VAL E 262 -42.58 1.82 -27.37
N GLY E 263 -41.90 2.77 -27.99
CA GLY E 263 -41.30 3.85 -27.24
C GLY E 263 -40.35 4.65 -28.12
N VAL E 264 -39.58 5.52 -27.46
CA VAL E 264 -38.63 6.40 -28.12
C VAL E 264 -37.23 5.93 -27.79
N TYR E 265 -36.39 5.80 -28.82
CA TYR E 265 -35.02 5.33 -28.66
C TYR E 265 -34.07 6.51 -28.76
N TYR E 266 -33.35 6.79 -27.67
CA TYR E 266 -32.36 7.85 -27.63
C TYR E 266 -30.96 7.24 -27.63
N CYS E 267 -30.02 7.94 -28.26
CA CYS E 267 -28.64 7.51 -28.30
C CYS E 267 -27.83 8.34 -27.30
N MET E 268 -26.52 8.12 -27.29
CA MET E 268 -25.67 8.72 -26.27
C MET E 268 -24.21 8.63 -26.70
N GLN E 269 -23.43 9.61 -26.28
CA GLN E 269 -21.98 9.59 -26.42
C GLN E 269 -21.36 9.99 -25.09
N HIS E 270 -20.15 9.50 -24.84
CA HIS E 270 -19.53 9.79 -23.55
C HIS E 270 -18.03 10.04 -23.70
N LEU E 271 -17.55 10.34 -24.91
CA LEU E 271 -16.12 10.52 -25.14
C LEU E 271 -15.66 11.89 -24.67
N GLU E 272 -16.14 12.95 -25.33
CA GLU E 272 -15.95 14.31 -24.83
C GLU E 272 -17.10 14.60 -23.88
N TYR E 273 -16.77 15.01 -22.66
CA TYR E 273 -17.74 14.93 -21.58
C TYR E 273 -18.99 15.76 -21.83
N PRO E 274 -18.91 17.02 -22.33
CA PRO E 274 -20.15 17.70 -22.75
C PRO E 274 -20.91 16.87 -23.77
N LEU E 275 -22.09 16.39 -23.39
CA LEU E 275 -22.75 15.31 -24.09
C LEU E 275 -24.20 15.69 -24.43
N THR E 276 -24.66 15.22 -25.58
CA THR E 276 -26.02 15.45 -26.05
C THR E 276 -26.66 14.12 -26.42
N PHE E 277 -27.94 13.96 -26.08
CA PHE E 277 -28.64 12.73 -26.39
C PHE E 277 -29.13 12.71 -27.84
N GLY E 278 -30.01 13.63 -28.20
CA GLY E 278 -30.59 13.66 -29.52
C GLY E 278 -32.10 13.55 -29.51
N ALA E 279 -32.73 13.89 -30.63
CA ALA E 279 -34.19 13.84 -30.71
C ALA E 279 -34.70 12.41 -30.55
N GLY E 280 -34.03 11.45 -31.17
CA GLY E 280 -34.42 10.06 -31.06
C GLY E 280 -35.42 9.62 -32.12
N THR E 281 -35.70 8.32 -32.10
CA THR E 281 -36.62 7.70 -33.04
C THR E 281 -37.80 7.13 -32.26
N LYS E 282 -39.01 7.54 -32.63
CA LYS E 282 -40.23 7.08 -31.96
C LYS E 282 -40.79 5.90 -32.77
N LEU E 283 -40.62 4.69 -32.23
CA LEU E 283 -41.12 3.51 -32.90
C LEU E 283 -42.64 3.49 -32.85
N GLU E 284 -43.26 3.29 -34.01
CA GLU E 284 -44.71 3.34 -34.16
C GLU E 284 -45.27 1.95 -34.40
N LEU E 285 -46.26 1.56 -33.60
CA LEU E 285 -46.96 0.29 -33.78
C LEU E 285 -48.44 0.50 -34.03
N1 SPD F . 24.23 38.23 11.78
C2 SPD F . 24.33 36.89 12.34
C3 SPD F . 23.30 36.72 13.44
C4 SPD F . 23.87 35.94 14.62
C5 SPD F . 23.42 34.49 14.59
N6 SPD F . 24.55 33.57 14.67
C7 SPD F . 24.98 32.83 13.50
C8 SPD F . 26.42 33.15 13.13
C9 SPD F . 26.60 34.63 12.84
N10 SPD F . 26.08 34.95 11.52
#